data_7TQW
#
_entry.id   7TQW
#
_cell.length_a   64.136
_cell.length_b   111.522
_cell.length_c   144.268
_cell.angle_alpha   90.000
_cell.angle_beta   90.000
_cell.angle_gamma   90.000
#
_symmetry.space_group_name_H-M   'P 2 21 21'
#
loop_
_entity.id
_entity.type
_entity.pdbx_description
1 polymer 'DNA polymerase'
2 polymer Template
3 polymer Primer
#
loop_
_entity_poly.entity_id
_entity_poly.type
_entity_poly.pdbx_seq_one_letter_code
_entity_poly.pdbx_strand_id
1 'polypeptide(L)'
;MILDTDYITEDGKPVIRIFKKENGEFKIEYDRTFEPYFYALLKDDSAIEEVKKITAERHGTVVTVKRVEKVQKKFLGRPV
EVWKLYFTHPQDVPAIRDKIREHPAVIDIYEYDIPFAKRYLIDKGLVPMEGDEELKMLAFDIETLYHEGEEFAEGPILMI
SYADEEGARVITWKNVDLPYVDVVSTEREMIKRFLRVVKEKDPDVLITYNGDNFDFAYLKKRCEKLGINFALGRDGSEPK
IQRMGDRFAVEVKGRIHFDLYPVIRRTINLPTYTLEAVYEAVFGQPKEKVYAEEITTAWETGENLERVARYSMEDAKVTY
ELGKEFLPMEAQLSRLIGQSLWDVSRSSTGNLVEWFLLRKAYERNELAPNKPDEKELARRRQSYEGGYVKEPERGLWENI
VYLDFRSLYPSIIITHNVSPDTLNREGCKEYDVAPQVGHRFCKDFPGFIPSLLGDLLEERQKIKKKMKATIDPIERKLLD
YRQRRIKILASSYYGYYGYARARWYCKECAESVTAWGREYITMTIKEIEEKYGFKVIYSDTDGFFATIPGADAETVKKKA
MEFLKYINAKLPGALELEYEGFYKRGFFVTKKKYAVIDEEGKITTGGLEIVRRDWSEIAKETQARVLEALLKDGDVEKAV
RIVKEVTEKLSKYEVPPEKLVIHEQITRDLKDYKATGPHVAVAKRLAARGVKIRPGTVISYIVLKGSGRIGDRAIPFDEF
DPAKHKYDAEYYIENQVLPAVERILRAFGYRKEDLRYQKTRQVGLSAWLKPKGT
;
A
2 'polydeoxyribonucleotide' (DA)(DA)(DA)(DT)(DT)(DC)(DG)(DC)(DA)(DG)(DT)(DT)(DC)(DG)(DC)(DG) T
3 'polydeoxyribonucleotide' (DC)(DG)(DC)(DG)(DA)(DA)(DC)(DT)(DG)(DC)(DG)(7TE)(7TE) P
#
# COMPACT_ATOMS: atom_id res chain seq x y z
N MET A 1 13.80 22.60 4.48
CA MET A 1 13.10 21.34 4.52
C MET A 1 14.06 20.16 4.47
N ILE A 2 13.83 19.13 5.29
CA ILE A 2 14.68 17.95 5.24
C ILE A 2 14.19 17.03 4.13
N LEU A 3 15.14 16.52 3.32
CA LEU A 3 14.85 15.66 2.19
C LEU A 3 15.19 14.19 2.44
N ASP A 4 16.38 13.91 2.93
CA ASP A 4 16.79 12.56 3.32
C ASP A 4 17.96 12.67 4.28
N THR A 5 18.43 11.53 4.77
CA THR A 5 19.67 11.47 5.53
C THR A 5 20.41 10.20 5.14
N ASP A 6 21.71 10.22 5.39
CA ASP A 6 22.54 9.02 5.31
C ASP A 6 23.80 9.30 6.12
N TYR A 7 24.76 8.39 6.01
CA TYR A 7 26.08 8.70 6.53
C TYR A 7 27.15 8.31 5.52
N ILE A 8 28.24 9.08 5.54
CA ILE A 8 29.49 8.67 4.95
C ILE A 8 30.45 8.46 6.09
N THR A 9 31.43 7.62 5.85
CA THR A 9 32.55 7.48 6.74
C THR A 9 33.62 8.55 6.45
N GLU A 10 34.33 8.98 7.48
CA GLU A 10 35.40 9.95 7.34
C GLU A 10 36.42 9.55 8.40
N ASP A 11 37.48 8.88 7.96
CA ASP A 11 38.54 8.44 8.85
C ASP A 11 37.99 7.48 9.91
N GLY A 12 37.24 6.48 9.44
CA GLY A 12 36.67 5.46 10.29
C GLY A 12 35.48 5.87 11.14
N LYS A 13 35.17 7.15 11.21
CA LYS A 13 34.08 7.67 12.01
C LYS A 13 32.89 8.02 11.13
N PRO A 14 31.67 7.77 11.57
CA PRO A 14 30.51 8.12 10.75
C PRO A 14 30.31 9.62 10.69
N VAL A 15 29.69 10.06 9.61
CA VAL A 15 29.30 11.45 9.44
C VAL A 15 27.87 11.47 8.91
N ILE A 16 26.95 12.00 9.69
CA ILE A 16 25.59 12.13 9.22
C ILE A 16 25.55 13.25 8.19
N ARG A 17 24.90 12.99 7.08
CA ARG A 17 24.57 14.03 6.11
C ARG A 17 23.06 14.18 6.09
N ILE A 18 22.62 15.41 6.26
CA ILE A 18 21.20 15.77 6.17
C ILE A 18 21.05 16.59 4.92
N PHE A 19 20.17 16.16 4.03
CA PHE A 19 19.94 16.85 2.76
C PHE A 19 18.74 17.77 2.91
N LYS A 20 19.02 19.07 2.95
CA LYS A 20 18.01 20.10 3.12
C LYS A 20 17.74 20.82 1.79
N LYS A 21 16.51 21.28 1.62
CA LYS A 21 16.21 22.30 0.62
C LYS A 21 15.62 23.48 1.38
N GLU A 22 16.50 24.29 1.96
CA GLU A 22 16.08 25.48 2.68
C GLU A 22 16.01 26.63 1.68
N ASN A 23 14.80 26.91 1.19
CA ASN A 23 14.50 28.07 0.35
C ASN A 23 15.15 28.04 -1.03
N GLY A 24 14.76 27.07 -1.86
CA GLY A 24 15.30 26.92 -3.20
C GLY A 24 16.67 26.28 -3.26
N GLU A 25 17.33 26.13 -2.13
CA GLU A 25 18.74 25.80 -2.08
C GLU A 25 18.92 24.41 -1.51
N PHE A 26 19.58 23.54 -2.25
CA PHE A 26 20.03 22.27 -1.72
C PHE A 26 21.20 22.52 -0.78
N LYS A 27 21.10 21.97 0.44
CA LYS A 27 22.10 22.12 1.48
C LYS A 27 22.37 20.75 2.07
N ILE A 28 23.59 20.54 2.57
CA ILE A 28 23.99 19.28 3.20
C ILE A 28 24.61 19.59 4.56
N GLU A 29 23.84 19.42 5.64
CA GLU A 29 24.43 19.55 6.96
C GLU A 29 25.14 18.26 7.35
N TYR A 30 26.28 18.41 8.01
CA TYR A 30 27.09 17.28 8.44
C TYR A 30 27.11 17.25 9.96
N ASP A 31 27.00 16.05 10.51
CA ASP A 31 26.94 15.86 11.95
C ASP A 31 27.90 14.73 12.31
N ARG A 32 29.03 15.10 12.91
CA ARG A 32 30.05 14.13 13.26
C ARG A 32 29.95 13.62 14.68
N THR A 33 28.87 13.93 15.38
CA THR A 33 28.76 13.76 16.82
C THR A 33 27.70 12.74 17.23
N PHE A 34 27.18 11.95 16.29
CA PHE A 34 26.11 11.00 16.57
C PHE A 34 26.68 9.59 16.67
N GLU A 35 26.37 8.91 17.75
CA GLU A 35 26.97 7.60 18.03
C GLU A 35 25.95 6.49 17.82
N PRO A 36 26.30 5.47 17.03
CA PRO A 36 25.43 4.30 16.93
C PRO A 36 25.44 3.51 18.23
N TYR A 37 24.27 3.04 18.61
CA TYR A 37 24.16 2.30 19.86
C TYR A 37 23.08 1.25 19.72
N PHE A 38 23.03 0.36 20.70
CA PHE A 38 21.82 -0.41 20.95
C PHE A 38 21.76 -0.73 22.43
N TYR A 39 20.73 -1.46 22.84
CA TYR A 39 20.39 -1.61 24.26
C TYR A 39 20.66 -3.03 24.73
N ALA A 40 21.22 -3.17 25.94
CA ALA A 40 21.41 -4.48 26.57
C ALA A 40 20.71 -4.54 27.92
N LEU A 41 20.14 -5.70 28.21
CA LEU A 41 19.53 -6.00 29.49
C LEU A 41 20.29 -7.15 30.13
N LEU A 42 20.81 -6.93 31.33
CA LEU A 42 21.73 -7.85 31.96
C LEU A 42 21.11 -8.50 33.20
N LYS A 43 21.85 -9.48 33.71
CA LYS A 43 21.49 -10.12 34.97
C LYS A 43 21.91 -9.26 36.14
N ASP A 44 23.17 -8.82 36.16
CA ASP A 44 23.65 -7.88 37.15
C ASP A 44 24.33 -6.73 36.41
N ASP A 45 24.39 -5.55 37.04
CA ASP A 45 25.32 -4.55 36.54
C ASP A 45 26.73 -5.11 36.47
N SER A 46 27.07 -6.03 37.37
CA SER A 46 28.38 -6.66 37.41
C SER A 46 28.75 -7.38 36.10
N ALA A 47 27.83 -7.49 35.15
CA ALA A 47 28.14 -8.09 33.86
C ALA A 47 28.70 -7.09 32.88
N ILE A 48 28.52 -5.79 33.12
CA ILE A 48 28.90 -4.81 32.11
C ILE A 48 30.38 -4.93 31.77
N GLU A 49 31.21 -5.33 32.73
CA GLU A 49 32.64 -5.34 32.50
C GLU A 49 33.02 -6.50 31.59
N GLU A 50 32.40 -7.66 31.77
CA GLU A 50 32.68 -8.76 30.88
C GLU A 50 32.00 -8.55 29.53
N VAL A 51 30.90 -7.80 29.51
CA VAL A 51 30.27 -7.51 28.22
C VAL A 51 31.10 -6.51 27.45
N LYS A 52 31.61 -5.47 28.11
CA LYS A 52 32.41 -4.47 27.42
C LYS A 52 33.67 -5.07 26.79
N LYS A 53 34.21 -6.12 27.39
CA LYS A 53 35.37 -6.76 26.81
C LYS A 53 35.03 -7.61 25.59
N ILE A 54 33.74 -7.71 25.22
CA ILE A 54 33.34 -8.49 24.05
C ILE A 54 33.78 -7.80 22.78
N THR A 55 34.25 -8.59 21.81
CA THR A 55 34.94 -8.09 20.63
C THR A 55 34.59 -8.93 19.40
N ALA A 56 34.52 -8.27 18.24
CA ALA A 56 34.13 -8.92 16.99
C ALA A 56 35.02 -8.48 15.86
N GLU A 57 35.01 -9.26 14.77
CA GLU A 57 35.76 -8.93 13.57
C GLU A 57 34.81 -8.47 12.47
N ARG A 58 35.25 -7.49 11.68
CA ARG A 58 34.43 -6.96 10.59
C ARG A 58 35.08 -7.36 9.27
N HIS A 59 35.66 -6.40 8.54
CA HIS A 59 36.39 -6.72 7.32
C HIS A 59 37.88 -6.57 7.65
N GLY A 60 38.40 -7.56 8.37
CA GLY A 60 39.78 -7.54 8.79
C GLY A 60 39.98 -6.71 10.03
N THR A 61 39.03 -5.82 10.29
CA THR A 61 39.06 -4.93 11.44
C THR A 61 38.48 -5.59 12.69
N VAL A 62 38.99 -5.19 13.83
CA VAL A 62 38.47 -5.65 15.13
C VAL A 62 37.43 -4.66 15.61
N VAL A 63 36.32 -5.16 16.15
CA VAL A 63 35.21 -4.33 16.60
C VAL A 63 35.16 -4.34 18.11
N THR A 64 35.11 -3.16 18.70
CA THR A 64 35.06 -3.01 20.16
C THR A 64 33.79 -2.26 20.57
N VAL A 65 33.34 -2.54 21.80
CA VAL A 65 32.30 -1.76 22.45
C VAL A 65 32.91 -0.43 22.92
N LYS A 66 32.55 0.67 22.26
CA LYS A 66 33.17 1.98 22.51
C LYS A 66 33.08 2.37 23.98
N ARG A 67 31.85 2.59 24.45
CA ARG A 67 31.57 2.95 25.83
C ARG A 67 30.23 2.37 26.20
N VAL A 68 29.97 2.28 27.50
CA VAL A 68 28.68 1.84 28.01
C VAL A 68 28.07 2.94 28.89
N GLU A 69 26.76 2.84 29.08
CA GLU A 69 26.00 3.86 29.79
C GLU A 69 24.80 3.17 30.40
N LYS A 70 24.58 3.39 31.69
CA LYS A 70 23.36 2.88 32.33
C LYS A 70 22.30 3.98 32.30
N VAL A 71 21.07 3.55 32.00
CA VAL A 71 19.92 4.43 31.86
C VAL A 71 18.72 3.68 32.41
N GLN A 72 17.68 4.43 32.78
CA GLN A 72 16.39 3.86 33.12
C GLN A 72 15.45 4.12 31.95
N LYS A 73 14.68 3.12 31.58
CA LYS A 73 13.66 3.28 30.56
C LYS A 73 12.40 2.58 31.04
N LYS A 74 11.34 2.69 30.24
CA LYS A 74 10.09 1.96 30.45
C LYS A 74 9.93 0.91 29.35
N PHE A 75 10.00 -0.37 29.71
CA PHE A 75 9.61 -1.42 28.79
C PHE A 75 8.16 -1.84 29.04
N LEU A 76 7.29 -1.46 28.12
CA LEU A 76 5.85 -1.72 28.22
C LEU A 76 5.26 -1.03 29.43
N GLY A 77 5.82 0.15 29.78
CA GLY A 77 5.38 0.91 30.90
C GLY A 77 6.04 0.55 32.22
N ARG A 78 6.59 -0.66 32.34
CA ARG A 78 7.31 -1.02 33.55
C ARG A 78 8.69 -0.34 33.57
N PRO A 79 9.20 0.08 34.73
CA PRO A 79 10.56 0.62 34.76
C PRO A 79 11.60 -0.48 34.60
N VAL A 80 12.60 -0.21 33.75
CA VAL A 80 13.57 -1.23 33.38
C VAL A 80 14.95 -0.59 33.28
N GLU A 81 15.91 -1.25 33.93
CA GLU A 81 17.29 -0.83 33.95
C GLU A 81 18.00 -1.53 32.81
N VAL A 82 18.66 -0.74 31.98
CA VAL A 82 19.22 -1.17 30.71
C VAL A 82 20.55 -0.45 30.53
N TRP A 83 21.49 -1.18 29.93
CA TRP A 83 22.80 -0.62 29.55
C TRP A 83 22.76 -0.26 28.08
N LYS A 84 22.99 1.03 27.78
CA LYS A 84 23.14 1.49 26.41
C LYS A 84 24.56 1.18 25.96
N LEU A 85 24.69 0.38 24.89
CA LEU A 85 25.99 0.00 24.34
C LEU A 85 26.29 0.88 23.12
N TYR A 86 27.41 1.59 23.17
CA TYR A 86 27.81 2.56 22.15
C TYR A 86 28.90 2.00 21.22
N PHE A 87 28.94 2.53 20.00
CA PHE A 87 29.85 2.00 18.99
C PHE A 87 30.48 3.11 18.17
N THR A 88 31.72 2.86 17.74
CA THR A 88 32.42 3.85 16.95
C THR A 88 31.82 3.98 15.56
N HIS A 89 31.50 2.85 14.93
CA HIS A 89 30.97 2.93 13.59
C HIS A 89 29.65 2.16 13.51
N PRO A 90 28.68 2.66 12.74
CA PRO A 90 27.43 1.91 12.53
C PRO A 90 27.63 0.49 12.11
N GLN A 91 28.53 0.22 11.19
CA GLN A 91 28.63 -1.17 10.75
C GLN A 91 29.21 -2.09 11.82
N ASP A 92 29.57 -1.55 13.00
CA ASP A 92 29.97 -2.39 14.14
C ASP A 92 28.79 -3.17 14.69
N VAL A 93 27.58 -2.62 14.60
CA VAL A 93 26.38 -3.13 15.29
C VAL A 93 26.02 -4.52 14.77
N PRO A 94 25.80 -4.73 13.45
CA PRO A 94 25.39 -6.08 12.99
C PRO A 94 26.41 -7.16 13.22
N ALA A 95 27.71 -6.84 13.23
CA ALA A 95 28.74 -7.82 13.54
C ALA A 95 28.60 -8.33 14.96
N ILE A 96 28.65 -7.42 15.92
CA ILE A 96 28.83 -7.78 17.31
C ILE A 96 27.50 -8.14 17.99
N ARG A 97 26.38 -7.58 17.52
CA ARG A 97 25.12 -7.72 18.26
C ARG A 97 24.80 -9.17 18.56
N ASP A 98 24.96 -10.04 17.56
CA ASP A 98 24.70 -11.45 17.78
C ASP A 98 25.59 -12.00 18.89
N LYS A 99 26.92 -11.78 18.77
CA LYS A 99 27.84 -12.30 19.79
C LYS A 99 27.59 -11.70 21.18
N ILE A 100 26.81 -10.63 21.29
CA ILE A 100 26.47 -10.08 22.59
C ILE A 100 25.26 -10.79 23.18
N ARG A 101 24.20 -10.93 22.39
CA ARG A 101 22.99 -11.58 22.87
C ARG A 101 23.27 -13.02 23.31
N GLU A 102 24.22 -13.68 22.67
CA GLU A 102 24.59 -15.02 23.10
C GLU A 102 25.40 -15.02 24.39
N HIS A 103 25.62 -13.86 24.99
CA HIS A 103 26.31 -13.89 26.27
C HIS A 103 25.39 -14.49 27.34
N PRO A 104 25.93 -15.29 28.25
CA PRO A 104 25.08 -15.80 29.34
C PRO A 104 24.48 -14.66 30.15
N ALA A 105 25.31 -13.72 30.59
CA ALA A 105 24.83 -12.68 31.48
C ALA A 105 23.92 -11.66 30.80
N VAL A 106 23.67 -11.76 29.50
CA VAL A 106 22.73 -10.83 28.89
C VAL A 106 21.45 -11.57 28.57
N ILE A 107 20.35 -11.03 29.10
CA ILE A 107 19.02 -11.59 28.88
C ILE A 107 18.58 -11.33 27.45
N ASP A 108 18.57 -10.07 27.02
CA ASP A 108 18.27 -9.74 25.63
C ASP A 108 18.91 -8.41 25.28
N ILE A 109 18.76 -8.01 24.01
CA ILE A 109 19.19 -6.71 23.51
C ILE A 109 18.07 -6.11 22.67
N TYR A 110 18.04 -4.78 22.58
CA TYR A 110 16.88 -4.08 22.02
C TYR A 110 17.33 -2.91 21.18
N GLU A 111 16.54 -2.62 20.14
CA GLU A 111 16.81 -1.53 19.21
C GLU A 111 18.21 -1.67 18.62
N TYR A 112 18.54 -2.92 18.31
CA TYR A 112 19.78 -3.32 17.69
C TYR A 112 19.69 -3.29 16.18
N ASP A 113 18.53 -2.99 15.61
CA ASP A 113 18.40 -3.09 14.16
C ASP A 113 17.79 -1.84 13.58
N ILE A 114 18.12 -0.68 14.14
CA ILE A 114 17.68 0.59 13.58
C ILE A 114 18.79 1.11 12.67
N PRO A 115 18.55 1.18 11.36
CA PRO A 115 19.38 1.98 10.45
C PRO A 115 19.89 3.32 11.01
N PHE A 116 21.22 3.46 11.14
CA PHE A 116 21.85 4.65 11.71
C PHE A 116 21.18 5.97 11.31
N ALA A 117 20.84 6.13 10.03
CA ALA A 117 20.32 7.41 9.55
C ALA A 117 18.88 7.61 9.99
N LYS A 118 18.07 6.56 9.90
CA LYS A 118 16.73 6.61 10.46
C LYS A 118 16.77 6.94 11.95
N ARG A 119 17.64 6.26 12.70
CA ARG A 119 17.81 6.58 14.12
C ARG A 119 18.17 8.04 14.32
N TYR A 120 18.96 8.62 13.43
CA TYR A 120 19.28 10.02 13.59
C TYR A 120 18.01 10.88 13.58
N LEU A 121 17.12 10.59 12.65
CA LEU A 121 15.89 11.38 12.52
C LEU A 121 15.01 11.26 13.76
N ILE A 122 14.93 10.05 14.33
CA ILE A 122 14.25 9.85 15.59
C ILE A 122 14.98 10.67 16.64
N ASP A 123 16.00 10.07 17.27
CA ASP A 123 16.76 10.64 18.36
C ASP A 123 16.90 12.17 18.34
N LYS A 124 17.01 12.76 17.16
CA LYS A 124 17.18 14.20 17.03
C LYS A 124 15.86 14.91 16.81
N GLY A 125 14.76 14.16 16.72
CA GLY A 125 13.44 14.76 16.57
C GLY A 125 13.41 15.61 15.32
N LEU A 126 13.88 15.05 14.23
CA LEU A 126 13.82 15.73 12.95
C LEU A 126 12.78 15.04 12.10
N VAL A 127 12.15 15.80 11.21
CA VAL A 127 11.03 15.34 10.42
C VAL A 127 11.18 15.72 8.96
N PRO A 128 11.26 14.78 8.04
CA PRO A 128 11.41 15.12 6.62
C PRO A 128 10.18 15.87 6.10
N MET A 129 10.32 16.41 4.89
CA MET A 129 9.18 16.91 4.12
C MET A 129 8.31 17.89 4.92
N GLU A 130 8.96 18.92 5.45
CA GLU A 130 8.31 19.87 6.33
C GLU A 130 8.62 21.28 5.87
N GLY A 131 7.60 21.99 5.41
CA GLY A 131 7.75 23.40 5.08
C GLY A 131 7.14 23.74 3.74
N ASP A 132 7.21 25.04 3.42
CA ASP A 132 6.80 25.53 2.12
C ASP A 132 8.06 25.53 1.26
N GLU A 133 8.23 24.46 0.49
CA GLU A 133 9.35 24.32 -0.44
C GLU A 133 8.82 23.57 -1.66
N GLU A 134 8.88 24.20 -2.83
CA GLU A 134 8.44 23.54 -4.05
C GLU A 134 9.59 22.70 -4.58
N LEU A 135 9.29 21.45 -4.94
CA LEU A 135 10.35 20.54 -5.40
C LEU A 135 10.43 20.50 -6.92
N LYS A 136 11.66 20.52 -7.41
CA LYS A 136 11.93 20.35 -8.83
C LYS A 136 11.93 18.85 -9.13
N MET A 137 10.96 18.42 -9.92
CA MET A 137 10.78 17.01 -10.26
C MET A 137 11.12 16.80 -11.73
N LEU A 138 11.76 15.66 -12.01
CA LEU A 138 12.03 15.21 -13.37
C LEU A 138 11.67 13.73 -13.46
N ALA A 139 10.77 13.38 -14.37
CA ALA A 139 10.56 11.97 -14.64
C ALA A 139 11.42 11.51 -15.81
N PHE A 140 11.59 10.19 -15.91
CA PHE A 140 12.36 9.62 -17.00
C PHE A 140 12.02 8.16 -17.13
N ASP A 141 11.96 7.71 -18.37
CA ASP A 141 11.84 6.29 -18.67
C ASP A 141 12.81 5.95 -19.80
N ILE A 142 13.07 4.66 -19.96
CA ILE A 142 13.95 4.20 -21.01
C ILE A 142 13.15 3.28 -21.92
N GLU A 143 13.77 2.92 -23.03
CA GLU A 143 13.32 1.84 -23.89
C GLU A 143 14.53 0.98 -24.17
N THR A 144 14.35 -0.32 -24.21
CA THR A 144 15.51 -1.17 -24.38
C THR A 144 15.33 -2.02 -25.61
N LEU A 145 16.44 -2.64 -26.02
CA LEU A 145 16.43 -3.65 -27.06
C LEU A 145 16.16 -5.00 -26.40
N TYR A 146 15.03 -5.61 -26.75
CA TYR A 146 14.62 -6.87 -26.16
C TYR A 146 14.59 -7.96 -27.22
N HIS A 147 15.60 -8.83 -27.17
CA HIS A 147 15.55 -10.10 -27.88
C HIS A 147 15.38 -11.19 -26.83
N GLU A 148 14.52 -12.15 -27.13
CA GLU A 148 14.10 -13.15 -26.15
C GLU A 148 15.29 -14.00 -25.71
N GLY A 149 15.16 -14.58 -24.52
CA GLY A 149 16.20 -15.43 -23.98
C GLY A 149 17.48 -14.74 -23.58
N GLU A 150 17.65 -13.45 -23.93
CA GLU A 150 18.84 -12.72 -23.54
C GLU A 150 18.97 -12.61 -22.02
N GLU A 151 20.21 -12.50 -21.57
CA GLU A 151 20.43 -12.08 -20.21
C GLU A 151 19.87 -10.69 -20.02
N PHE A 152 19.79 -10.27 -18.78
CA PHE A 152 19.26 -8.95 -18.48
C PHE A 152 20.27 -7.88 -18.91
N ALA A 153 19.77 -6.88 -19.64
CA ALA A 153 20.51 -5.68 -20.04
C ALA A 153 21.64 -5.98 -21.01
N GLU A 154 21.69 -7.19 -21.56
CA GLU A 154 22.68 -7.47 -22.58
C GLU A 154 22.45 -6.59 -23.80
N GLY A 155 21.19 -6.41 -24.16
CA GLY A 155 20.82 -5.54 -25.26
C GLY A 155 20.85 -4.09 -24.85
N PRO A 156 21.19 -3.21 -25.80
CA PRO A 156 21.44 -1.81 -25.45
C PRO A 156 20.13 -1.08 -25.17
N ILE A 157 20.29 0.10 -24.59
CA ILE A 157 19.19 1.02 -24.34
C ILE A 157 18.91 1.79 -25.63
N LEU A 158 17.66 1.77 -26.08
CA LEU A 158 17.37 2.43 -27.35
C LEU A 158 17.09 3.92 -27.18
N MET A 159 16.36 4.30 -26.13
CA MET A 159 15.99 5.68 -25.89
C MET A 159 16.09 5.98 -24.40
N ILE A 160 16.13 7.27 -24.08
CA ILE A 160 15.95 7.75 -22.72
C ILE A 160 15.09 9.00 -22.80
N SER A 161 13.83 8.88 -22.42
CA SER A 161 12.90 9.99 -22.41
C SER A 161 12.79 10.62 -21.04
N TYR A 162 12.43 11.90 -21.00
CA TYR A 162 12.27 12.60 -19.74
C TYR A 162 11.26 13.74 -19.87
N ALA A 163 10.63 14.09 -18.74
CA ALA A 163 9.60 15.12 -18.68
C ALA A 163 9.74 15.94 -17.41
N ASP A 164 9.20 17.15 -17.44
CA ASP A 164 9.16 18.05 -16.29
C ASP A 164 8.04 19.06 -16.56
N GLU A 165 8.07 20.22 -15.89
CA GLU A 165 6.99 21.16 -16.17
C GLU A 165 7.10 21.77 -17.55
N GLU A 166 8.25 21.68 -18.20
CA GLU A 166 8.47 22.33 -19.48
C GLU A 166 8.26 21.40 -20.67
N GLY A 167 7.97 20.12 -20.43
CA GLY A 167 7.63 19.21 -21.51
C GLY A 167 8.54 18.00 -21.54
N ALA A 168 8.39 17.22 -22.61
CA ALA A 168 9.12 15.97 -22.76
C ALA A 168 10.08 16.02 -23.95
N ARG A 169 11.16 15.26 -23.83
CA ARG A 169 12.06 14.98 -24.94
C ARG A 169 12.45 13.52 -24.89
N VAL A 170 13.07 13.07 -25.98
CA VAL A 170 13.56 11.70 -26.09
C VAL A 170 14.98 11.76 -26.61
N ILE A 171 15.91 11.11 -25.91
CA ILE A 171 17.29 11.01 -26.38
C ILE A 171 17.52 9.63 -27.00
N THR A 172 17.90 9.60 -28.29
CA THR A 172 18.07 8.34 -29.02
C THR A 172 19.26 8.42 -29.98
N TRP A 173 19.75 7.24 -30.39
CA TRP A 173 20.86 7.16 -31.33
C TRP A 173 20.45 6.59 -32.69
N LYS A 174 19.21 6.80 -33.10
CA LYS A 174 18.85 6.69 -34.50
C LYS A 174 18.09 7.96 -34.89
N ASN A 175 17.90 8.15 -36.19
CA ASN A 175 17.17 9.32 -36.68
C ASN A 175 15.68 9.05 -36.51
N VAL A 176 15.00 9.90 -35.75
CA VAL A 176 13.53 9.93 -35.72
C VAL A 176 13.13 11.38 -35.88
N ASP A 177 12.26 11.65 -36.86
CA ASP A 177 11.95 13.02 -37.25
C ASP A 177 10.73 13.47 -36.46
N LEU A 178 11.00 13.83 -35.20
CA LEU A 178 10.00 14.30 -34.26
C LEU A 178 10.62 15.42 -33.42
N PRO A 179 9.93 16.55 -33.27
CA PRO A 179 10.60 17.76 -32.77
C PRO A 179 11.04 17.67 -31.34
N TYR A 180 10.71 16.58 -30.65
CA TYR A 180 11.09 16.37 -29.25
C TYR A 180 12.11 15.27 -29.10
N VAL A 181 12.58 14.71 -30.21
CA VAL A 181 13.62 13.68 -30.21
C VAL A 181 14.96 14.33 -30.46
N ASP A 182 15.96 13.99 -29.64
CA ASP A 182 17.32 14.44 -29.81
C ASP A 182 18.19 13.26 -30.23
N VAL A 183 18.85 13.40 -31.40
CA VAL A 183 19.62 12.31 -32.00
C VAL A 183 21.08 12.46 -31.61
N VAL A 184 21.69 11.33 -31.29
CA VAL A 184 23.11 11.28 -31.00
C VAL A 184 23.70 10.05 -31.69
N SER A 185 25.02 9.90 -31.60
CA SER A 185 25.68 8.93 -32.46
C SER A 185 25.69 7.53 -31.87
N THR A 186 25.70 7.43 -30.55
CA THR A 186 25.96 6.17 -29.89
C THR A 186 25.16 6.08 -28.60
N GLU A 187 24.80 4.85 -28.22
CA GLU A 187 24.17 4.60 -26.93
C GLU A 187 24.93 5.27 -25.80
N ARG A 188 26.26 5.41 -25.93
CA ARG A 188 27.00 6.05 -24.86
C ARG A 188 26.73 7.55 -24.84
N GLU A 189 26.74 8.18 -26.00
CA GLU A 189 26.49 9.62 -26.02
C GLU A 189 25.12 9.92 -25.42
N MET A 190 24.13 9.10 -25.77
CA MET A 190 22.78 9.26 -25.25
C MET A 190 22.78 9.26 -23.73
N ILE A 191 23.38 8.22 -23.13
CA ILE A 191 23.49 8.15 -21.67
C ILE A 191 24.18 9.38 -21.11
N LYS A 192 25.35 9.72 -21.63
CA LYS A 192 26.06 10.87 -21.09
C LYS A 192 25.28 12.14 -21.35
N ARG A 193 24.46 12.16 -22.40
CA ARG A 193 23.55 13.28 -22.61
C ARG A 193 22.49 13.35 -21.51
N PHE A 194 21.77 12.25 -21.28
CA PHE A 194 20.81 12.22 -20.20
C PHE A 194 21.46 12.57 -18.86
N LEU A 195 22.68 12.07 -18.64
CA LEU A 195 23.38 12.36 -17.39
C LEU A 195 23.62 13.86 -17.24
N ARG A 196 23.89 14.56 -18.35
CA ARG A 196 24.04 16.02 -18.33
C ARG A 196 22.72 16.70 -18.01
N VAL A 197 21.65 16.31 -18.70
CA VAL A 197 20.33 16.88 -18.44
C VAL A 197 20.02 16.86 -16.95
N VAL A 198 20.10 15.69 -16.34
CA VAL A 198 19.88 15.61 -14.90
C VAL A 198 20.78 16.57 -14.14
N LYS A 199 22.06 16.68 -14.55
CA LYS A 199 22.96 17.54 -13.79
C LYS A 199 22.56 19.01 -13.89
N GLU A 200 22.09 19.45 -15.06
CA GLU A 200 21.76 20.87 -15.20
C GLU A 200 20.33 21.20 -14.82
N LYS A 201 19.43 20.22 -14.88
CA LYS A 201 18.12 20.39 -14.30
C LYS A 201 18.14 20.27 -12.77
N ASP A 202 19.05 19.48 -12.23
CA ASP A 202 19.26 19.37 -10.80
C ASP A 202 17.93 19.15 -10.07
N PRO A 203 17.12 18.19 -10.53
CA PRO A 203 15.83 17.99 -9.87
C PRO A 203 16.05 17.53 -8.44
N ASP A 204 15.07 17.86 -7.58
CA ASP A 204 15.03 17.35 -6.21
C ASP A 204 14.48 15.92 -6.16
N VAL A 205 13.62 15.58 -7.12
CA VAL A 205 12.96 14.29 -7.18
C VAL A 205 13.13 13.70 -8.58
N LEU A 206 13.59 12.45 -8.65
CA LEU A 206 13.70 11.69 -9.89
C LEU A 206 12.58 10.65 -9.95
N ILE A 207 11.60 10.88 -10.79
CA ILE A 207 10.40 10.06 -10.82
C ILE A 207 10.54 9.02 -11.91
N THR A 208 10.46 7.74 -11.54
CA THR A 208 10.36 6.66 -12.52
C THR A 208 9.03 5.93 -12.38
N TYR A 209 8.91 4.83 -13.10
CA TYR A 209 7.85 3.85 -12.93
C TYR A 209 8.48 2.47 -12.99
N ASN A 210 8.62 1.84 -11.83
CA ASN A 210 9.31 0.57 -11.71
C ASN A 210 10.80 0.73 -11.98
N GLY A 211 11.31 1.94 -11.75
CA GLY A 211 12.73 2.19 -11.90
C GLY A 211 13.60 1.42 -10.94
N ASP A 212 13.02 0.93 -9.83
CA ASP A 212 13.81 0.15 -8.90
C ASP A 212 14.14 -1.21 -9.48
N ASN A 213 13.29 -1.75 -10.35
CA ASN A 213 13.52 -3.09 -10.85
C ASN A 213 13.88 -3.15 -12.31
N PHE A 214 13.64 -2.08 -13.08
CA PHE A 214 14.00 -2.10 -14.49
C PHE A 214 14.93 -0.95 -14.84
N ASP A 215 14.38 0.28 -14.85
CA ASP A 215 15.05 1.38 -15.53
C ASP A 215 16.44 1.65 -14.94
N PHE A 216 16.63 1.46 -13.63
CA PHE A 216 17.92 1.78 -13.01
C PHE A 216 18.88 0.60 -12.98
N ALA A 217 18.39 -0.63 -13.07
CA ALA A 217 19.30 -1.77 -13.23
C ALA A 217 19.83 -1.85 -14.66
N TYR A 218 19.03 -1.39 -15.63
CA TYR A 218 19.51 -1.35 -17.00
C TYR A 218 20.55 -0.25 -17.15
N LEU A 219 20.14 0.99 -16.90
CA LEU A 219 21.05 2.13 -16.90
C LEU A 219 22.33 1.88 -16.13
N LYS A 220 22.32 0.96 -15.15
CA LYS A 220 23.55 0.62 -14.45
C LYS A 220 24.40 -0.39 -15.24
N LYS A 221 23.81 -1.51 -15.64
CA LYS A 221 24.58 -2.54 -16.34
C LYS A 221 25.12 -2.00 -17.66
N ARG A 222 24.33 -1.19 -18.36
CA ARG A 222 24.80 -0.57 -19.58
C ARG A 222 25.93 0.41 -19.28
N CYS A 223 25.78 1.21 -18.23
CA CYS A 223 26.90 2.04 -17.80
C CYS A 223 28.11 1.19 -17.40
N GLU A 224 27.88 -0.07 -17.04
CA GLU A 224 29.02 -0.93 -16.74
C GLU A 224 29.73 -1.32 -18.02
N LYS A 225 29.05 -2.09 -18.86
CA LYS A 225 29.68 -2.61 -20.07
C LYS A 225 30.26 -1.49 -20.91
N LEU A 226 29.57 -0.35 -20.97
CA LEU A 226 30.08 0.81 -21.68
C LEU A 226 31.11 1.59 -20.87
N GLY A 227 31.24 1.31 -19.57
CA GLY A 227 32.20 2.00 -18.73
C GLY A 227 31.95 3.49 -18.58
N ILE A 228 30.82 3.85 -17.98
CA ILE A 228 30.44 5.25 -17.82
C ILE A 228 30.27 5.54 -16.33
N ASN A 229 30.73 6.72 -15.90
CA ASN A 229 30.52 7.16 -14.52
C ASN A 229 29.12 7.77 -14.44
N PHE A 230 28.25 7.13 -13.67
CA PHE A 230 26.81 7.44 -13.64
C PHE A 230 26.52 8.43 -12.50
N ALA A 231 27.19 9.58 -12.57
CA ALA A 231 27.19 10.56 -11.49
C ALA A 231 25.87 11.33 -11.52
N LEU A 232 24.81 10.68 -11.04
CA LEU A 232 23.51 11.31 -10.90
C LEU A 232 23.40 12.07 -9.59
N GLY A 233 23.94 11.49 -8.52
CA GLY A 233 23.89 12.05 -7.19
C GLY A 233 24.34 13.49 -7.15
N ARG A 234 23.74 14.27 -6.27
CA ARG A 234 24.20 15.63 -6.12
C ARG A 234 25.60 15.70 -5.56
N ASP A 235 26.07 14.64 -4.91
CA ASP A 235 27.43 14.55 -4.39
C ASP A 235 28.40 13.93 -5.41
N GLY A 236 27.91 13.62 -6.61
CA GLY A 236 28.70 13.00 -7.64
C GLY A 236 28.64 11.48 -7.66
N SER A 237 27.80 10.86 -6.87
CA SER A 237 27.87 9.41 -6.77
C SER A 237 27.02 8.76 -7.86
N GLU A 238 27.22 7.46 -8.00
CA GLU A 238 26.39 6.65 -8.87
C GLU A 238 25.14 6.21 -8.11
N PRO A 239 24.02 6.08 -8.79
CA PRO A 239 22.89 5.34 -8.22
C PRO A 239 23.35 4.13 -7.43
N LYS A 240 22.97 4.11 -6.15
CA LYS A 240 23.29 3.04 -5.21
C LYS A 240 22.12 2.06 -5.21
N ILE A 241 22.33 0.90 -5.84
CA ILE A 241 21.30 -0.14 -5.85
C ILE A 241 21.31 -0.90 -4.54
N GLN A 242 20.12 -1.07 -3.94
CA GLN A 242 19.94 -1.73 -2.65
C GLN A 242 19.01 -2.92 -2.81
N ARG A 243 19.25 -3.95 -2.00
CA ARG A 243 18.51 -5.21 -2.07
C ARG A 243 17.47 -5.21 -0.95
N MET A 244 16.21 -5.01 -1.33
CA MET A 244 15.08 -5.12 -0.40
C MET A 244 14.44 -6.51 -0.53
N GLY A 245 15.26 -7.52 -0.26
CA GLY A 245 14.83 -8.90 -0.23
C GLY A 245 14.33 -9.45 -1.56
N ASP A 246 13.00 -9.46 -1.73
CA ASP A 246 12.41 -10.01 -2.94
C ASP A 246 12.93 -9.29 -4.19
N ARG A 247 12.81 -7.96 -4.21
CA ARG A 247 13.16 -7.12 -5.34
C ARG A 247 14.42 -6.29 -5.03
N PHE A 248 14.63 -5.22 -5.79
CA PHE A 248 15.65 -4.23 -5.51
C PHE A 248 15.00 -2.86 -5.34
N ALA A 249 15.80 -1.90 -4.86
CA ALA A 249 15.40 -0.52 -4.84
C ALA A 249 16.65 0.35 -4.98
N VAL A 250 16.51 1.46 -5.67
CA VAL A 250 17.63 2.32 -6.01
C VAL A 250 17.49 3.64 -5.27
N GLU A 251 18.60 4.09 -4.69
CA GLU A 251 18.69 5.41 -4.11
C GLU A 251 19.58 6.26 -4.99
N VAL A 252 19.41 7.58 -4.90
CA VAL A 252 20.29 8.54 -5.60
C VAL A 252 20.53 9.68 -4.62
N LYS A 253 21.73 9.72 -4.03
CA LYS A 253 21.94 10.63 -2.91
C LYS A 253 21.80 12.08 -3.35
N GLY A 254 21.41 12.94 -2.41
CA GLY A 254 21.10 14.31 -2.70
C GLY A 254 19.79 14.54 -3.43
N ARG A 255 19.14 13.48 -3.92
CA ARG A 255 17.82 13.58 -4.54
C ARG A 255 16.92 12.49 -3.95
N ILE A 256 15.70 12.42 -4.46
CA ILE A 256 14.75 11.44 -3.96
C ILE A 256 14.29 10.62 -5.16
N HIS A 257 14.81 9.41 -5.30
CA HIS A 257 14.27 8.54 -6.35
C HIS A 257 12.85 8.15 -5.98
N PHE A 258 11.88 8.71 -6.69
CA PHE A 258 10.49 8.44 -6.39
C PHE A 258 10.00 7.43 -7.43
N ASP A 259 10.09 6.14 -7.09
CA ASP A 259 9.48 5.11 -7.91
C ASP A 259 7.99 5.03 -7.59
N LEU A 260 7.15 5.29 -8.61
CA LEU A 260 5.70 5.29 -8.43
C LEU A 260 5.14 3.89 -8.30
N TYR A 261 5.77 2.90 -8.92
CA TYR A 261 5.21 1.55 -8.90
C TYR A 261 4.82 1.10 -7.50
N PRO A 262 5.67 1.22 -6.47
CA PRO A 262 5.25 0.78 -5.13
C PRO A 262 4.23 1.71 -4.49
N VAL A 263 4.19 2.96 -4.93
CA VAL A 263 3.17 3.90 -4.48
C VAL A 263 1.79 3.51 -5.00
N ILE A 264 1.67 3.22 -6.30
CA ILE A 264 0.37 2.85 -6.85
C ILE A 264 -0.12 1.52 -6.27
N ARG A 265 0.79 0.57 -6.05
CA ARG A 265 0.42 -0.71 -5.46
C ARG A 265 -0.28 -0.50 -4.13
N ARG A 266 0.44 0.09 -3.17
CA ARG A 266 -0.13 0.34 -1.85
C ARG A 266 -1.38 1.22 -1.92
N THR A 267 -1.39 2.20 -2.80
CA THR A 267 -2.41 3.24 -2.70
C THR A 267 -3.65 2.97 -3.53
N ILE A 268 -3.55 2.36 -4.69
CA ILE A 268 -4.71 2.17 -5.54
C ILE A 268 -4.86 0.69 -5.85
N ASN A 269 -6.08 0.18 -5.81
CA ASN A 269 -6.37 -1.17 -6.25
C ASN A 269 -6.92 -1.08 -7.67
N LEU A 270 -6.11 -1.51 -8.63
CA LEU A 270 -6.41 -1.49 -10.05
C LEU A 270 -6.34 -2.89 -10.64
N PRO A 271 -6.91 -3.11 -11.81
CA PRO A 271 -6.90 -4.46 -12.36
C PRO A 271 -5.51 -4.94 -12.74
N THR A 272 -4.75 -4.11 -13.45
CA THR A 272 -3.33 -4.35 -13.70
C THR A 272 -2.55 -3.07 -13.47
N TYR A 273 -1.30 -3.20 -13.02
CA TYR A 273 -0.51 -2.01 -12.71
C TYR A 273 0.50 -1.67 -13.80
N THR A 274 0.10 -1.86 -15.06
CA THR A 274 0.88 -1.31 -16.14
C THR A 274 0.74 0.21 -16.14
N LEU A 275 1.85 0.88 -16.41
CA LEU A 275 1.86 2.32 -16.57
C LEU A 275 0.71 2.78 -17.46
N GLU A 276 0.45 2.05 -18.54
CA GLU A 276 -0.64 2.44 -19.41
C GLU A 276 -1.97 2.37 -18.66
N ALA A 277 -2.21 1.27 -17.96
CA ALA A 277 -3.42 1.13 -17.15
C ALA A 277 -3.53 2.25 -16.13
N VAL A 278 -2.45 2.47 -15.37
CA VAL A 278 -2.48 3.44 -14.27
C VAL A 278 -2.78 4.85 -14.77
N TYR A 279 -2.22 5.23 -15.94
CA TYR A 279 -2.44 6.59 -16.44
C TYR A 279 -3.88 6.81 -16.85
N GLU A 280 -4.48 5.82 -17.52
CA GLU A 280 -5.90 5.93 -17.87
C GLU A 280 -6.76 5.91 -16.61
N ALA A 281 -6.28 5.26 -15.56
CA ALA A 281 -7.04 5.13 -14.33
C ALA A 281 -7.01 6.41 -13.50
N VAL A 282 -5.96 7.22 -13.61
CA VAL A 282 -5.81 8.41 -12.79
C VAL A 282 -6.30 9.66 -13.51
N PHE A 283 -6.07 9.78 -14.81
CA PHE A 283 -6.48 10.98 -15.53
C PHE A 283 -7.52 10.74 -16.63
N GLY A 284 -7.88 9.49 -16.92
CA GLY A 284 -9.02 9.23 -17.77
C GLY A 284 -8.79 9.27 -19.27
N GLN A 285 -7.67 9.91 -19.75
CA GLN A 285 -7.26 9.83 -21.16
C GLN A 285 -6.54 8.51 -21.42
N PRO A 286 -6.73 7.92 -22.60
CA PRO A 286 -6.00 6.70 -22.94
C PRO A 286 -4.51 6.96 -23.14
N LYS A 287 -3.72 5.88 -23.06
CA LYS A 287 -2.29 5.89 -23.39
C LYS A 287 -1.98 4.56 -24.05
N GLU A 288 -1.63 4.58 -25.35
CA GLU A 288 -1.44 3.30 -26.00
C GLU A 288 -0.10 2.69 -25.63
N LYS A 289 -0.05 1.36 -25.68
CA LYS A 289 1.14 0.58 -25.36
C LYS A 289 1.87 0.19 -26.65
N VAL A 290 3.21 0.14 -26.57
CA VAL A 290 4.08 -0.39 -27.61
C VAL A 290 4.93 -1.49 -26.99
N TYR A 291 4.78 -2.71 -27.51
CA TYR A 291 5.34 -3.89 -26.86
C TYR A 291 6.79 -4.09 -27.26
N ALA A 292 7.46 -4.98 -26.53
CA ALA A 292 8.92 -5.08 -26.64
C ALA A 292 9.36 -5.46 -28.04
N GLU A 293 8.78 -6.53 -28.60
CA GLU A 293 9.24 -6.99 -29.92
C GLU A 293 8.93 -5.97 -31.02
N GLU A 294 7.82 -5.24 -30.91
CA GLU A 294 7.55 -4.10 -31.79
C GLU A 294 8.67 -3.08 -31.70
N ILE A 295 9.12 -2.79 -30.48
CA ILE A 295 10.25 -1.88 -30.32
C ILE A 295 11.48 -2.47 -30.98
N THR A 296 11.66 -3.79 -30.89
CA THR A 296 12.87 -4.41 -31.42
C THR A 296 12.89 -4.30 -32.94
N THR A 297 11.84 -4.78 -33.59
CA THR A 297 11.82 -4.82 -35.06
C THR A 297 11.78 -3.41 -35.64
N ALA A 298 11.02 -2.51 -35.02
CA ALA A 298 11.01 -1.13 -35.48
C ALA A 298 12.38 -0.48 -35.36
N TRP A 299 13.17 -0.88 -34.37
CA TRP A 299 14.53 -0.35 -34.23
C TRP A 299 15.48 -0.95 -35.25
N GLU A 300 15.36 -2.26 -35.48
CA GLU A 300 16.25 -2.95 -36.41
C GLU A 300 15.95 -2.55 -37.85
N THR A 301 14.69 -2.74 -38.29
CA THR A 301 14.30 -2.33 -39.63
C THR A 301 14.31 -0.81 -39.81
N GLY A 302 14.53 -0.04 -38.75
CA GLY A 302 14.51 1.40 -38.88
C GLY A 302 13.18 1.97 -39.33
N GLU A 303 12.13 1.16 -39.34
CA GLU A 303 10.82 1.63 -39.79
C GLU A 303 9.91 1.90 -38.60
N ASN A 304 8.98 2.84 -38.82
CA ASN A 304 8.01 3.27 -37.80
C ASN A 304 8.70 3.60 -36.47
N LEU A 305 9.90 4.19 -36.56
CA LEU A 305 10.58 4.63 -35.36
C LEU A 305 9.91 5.84 -34.72
N GLU A 306 9.05 6.55 -35.46
CA GLU A 306 8.28 7.61 -34.84
C GLU A 306 7.32 7.07 -33.81
N ARG A 307 6.82 5.85 -34.01
CA ARG A 307 5.83 5.31 -33.11
C ARG A 307 6.46 4.90 -31.79
N VAL A 308 7.64 4.30 -31.85
CA VAL A 308 8.41 4.03 -30.63
C VAL A 308 8.78 5.34 -29.95
N ALA A 309 8.87 6.42 -30.71
CA ALA A 309 9.24 7.71 -30.13
C ALA A 309 8.14 8.24 -29.22
N ARG A 310 6.91 8.26 -29.69
CA ARG A 310 5.86 8.86 -28.89
C ARG A 310 5.51 7.96 -27.71
N TYR A 311 5.61 6.64 -27.87
CA TYR A 311 5.49 5.75 -26.72
C TYR A 311 6.47 6.16 -25.64
N SER A 312 7.76 6.15 -25.96
CA SER A 312 8.75 6.61 -24.98
C SER A 312 8.46 8.02 -24.50
N MET A 313 8.14 8.93 -25.41
CA MET A 313 7.81 10.28 -24.98
C MET A 313 6.66 10.29 -24.00
N GLU A 314 5.65 9.45 -24.25
CA GLU A 314 4.49 9.39 -23.38
C GLU A 314 4.73 8.53 -22.14
N ASP A 315 5.74 7.66 -22.14
CA ASP A 315 6.15 7.05 -20.87
C ASP A 315 6.66 8.11 -19.91
N ALA A 316 7.52 8.99 -20.39
CA ALA A 316 8.07 10.03 -19.53
C ALA A 316 7.01 11.07 -19.16
N LYS A 317 6.15 11.45 -20.12
CA LYS A 317 5.16 12.50 -19.86
C LYS A 317 4.18 12.07 -18.78
N VAL A 318 3.58 10.90 -18.96
CA VAL A 318 2.71 10.29 -17.96
C VAL A 318 3.42 10.22 -16.61
N THR A 319 4.60 9.62 -16.59
CA THR A 319 5.32 9.40 -15.33
C THR A 319 5.54 10.69 -14.56
N TYR A 320 5.72 11.82 -15.26
CA TYR A 320 5.78 13.09 -14.54
C TYR A 320 4.39 13.49 -14.06
N GLU A 321 3.40 13.55 -14.96
CA GLU A 321 2.06 13.90 -14.54
C GLU A 321 1.58 13.02 -13.39
N LEU A 322 2.00 11.75 -13.35
CA LEU A 322 1.61 10.87 -12.25
C LEU A 322 2.37 11.22 -10.97
N GLY A 323 3.69 11.21 -11.04
CA GLY A 323 4.49 11.64 -9.90
C GLY A 323 4.06 12.99 -9.36
N LYS A 324 3.61 13.88 -10.23
CA LYS A 324 3.14 15.17 -9.74
C LYS A 324 2.01 14.98 -8.75
N GLU A 325 1.01 14.15 -9.11
CA GLU A 325 -0.16 13.97 -8.25
C GLU A 325 0.23 13.28 -6.94
N PHE A 326 0.88 12.12 -7.04
CA PHE A 326 1.13 11.32 -5.85
C PHE A 326 2.24 11.83 -4.94
N LEU A 327 3.02 12.84 -5.33
CA LEU A 327 4.16 13.18 -4.48
C LEU A 327 3.75 13.91 -3.22
N PRO A 328 2.89 14.95 -3.26
CA PRO A 328 2.53 15.61 -1.99
C PRO A 328 1.92 14.64 -1.00
N MET A 329 1.02 13.75 -1.47
CA MET A 329 0.46 12.72 -0.62
C MET A 329 1.54 11.93 0.10
N GLU A 330 2.54 11.45 -0.64
CA GLU A 330 3.64 10.75 -0.01
C GLU A 330 4.57 11.70 0.73
N ALA A 331 4.57 12.99 0.38
CA ALA A 331 5.30 13.97 1.17
C ALA A 331 4.73 14.05 2.57
N GLN A 332 3.40 14.17 2.65
CA GLN A 332 2.80 14.23 3.97
C GLN A 332 2.90 12.91 4.71
N LEU A 333 2.84 11.78 3.99
CA LEU A 333 3.10 10.51 4.68
C LEU A 333 4.53 10.49 5.24
N SER A 334 5.48 11.04 4.50
CA SER A 334 6.83 11.17 5.03
C SER A 334 6.83 11.97 6.33
N ARG A 335 6.19 13.14 6.31
CA ARG A 335 6.14 14.02 7.48
C ARG A 335 5.48 13.34 8.67
N LEU A 336 4.47 12.50 8.42
CA LEU A 336 3.73 11.86 9.50
C LEU A 336 4.54 10.77 10.17
N ILE A 337 5.22 9.94 9.39
CA ILE A 337 5.99 8.83 9.93
C ILE A 337 7.35 9.28 10.44
N GLY A 338 7.87 10.40 9.96
CA GLY A 338 9.18 10.85 10.39
C GLY A 338 10.35 10.12 9.76
N GLN A 339 10.17 9.62 8.54
CA GLN A 339 11.21 8.93 7.80
C GLN A 339 11.24 9.44 6.36
N SER A 340 12.30 9.11 5.65
CA SER A 340 12.53 9.66 4.32
C SER A 340 11.40 9.31 3.36
N LEU A 341 11.12 10.23 2.43
CA LEU A 341 10.16 9.94 1.38
C LEU A 341 10.54 8.65 0.64
N TRP A 342 11.82 8.51 0.29
CA TRP A 342 12.30 7.29 -0.35
C TRP A 342 11.87 6.05 0.44
N ASP A 343 12.10 6.06 1.75
CA ASP A 343 11.74 4.92 2.60
C ASP A 343 10.24 4.66 2.61
N VAL A 344 9.47 5.63 3.09
CA VAL A 344 8.04 5.38 3.30
C VAL A 344 7.37 5.02 1.99
N SER A 345 7.82 5.61 0.87
CA SER A 345 7.15 5.39 -0.40
C SER A 345 7.29 3.94 -0.84
N ARG A 346 8.22 3.21 -0.25
CA ARG A 346 8.42 1.80 -0.54
C ARG A 346 7.96 0.91 0.60
N SER A 347 7.40 1.48 1.67
CA SER A 347 7.08 0.71 2.87
C SER A 347 5.66 0.16 2.87
N SER A 348 5.54 -1.02 3.48
CA SER A 348 4.27 -1.66 3.75
C SER A 348 3.58 -1.00 4.93
N THR A 349 2.29 -1.28 5.05
CA THR A 349 1.47 -0.65 6.08
C THR A 349 2.04 -0.90 7.46
N GLY A 350 2.43 -2.14 7.75
CA GLY A 350 3.00 -2.46 9.04
C GLY A 350 4.28 -1.70 9.33
N ASN A 351 5.18 -1.64 8.35
CA ASN A 351 6.44 -0.94 8.57
C ASN A 351 6.20 0.53 8.85
N LEU A 352 5.25 1.12 8.13
CA LEU A 352 4.87 2.51 8.38
C LEU A 352 4.45 2.74 9.83
N VAL A 353 3.54 1.91 10.34
CA VAL A 353 3.06 2.05 11.71
C VAL A 353 4.21 1.93 12.71
N GLU A 354 5.10 0.95 12.48
CA GLU A 354 6.19 0.67 13.42
C GLU A 354 7.19 1.83 13.47
N TRP A 355 7.53 2.41 12.33
CA TRP A 355 8.45 3.54 12.37
C TRP A 355 7.85 4.68 13.16
N PHE A 356 6.54 4.84 13.07
CA PHE A 356 5.88 5.91 13.81
C PHE A 356 5.90 5.60 15.31
N LEU A 357 5.58 4.35 15.70
CA LEU A 357 5.72 3.95 17.09
C LEU A 357 7.16 4.04 17.59
N LEU A 358 8.13 3.71 16.73
CA LEU A 358 9.52 3.78 17.15
C LEU A 358 9.91 5.21 17.49
N ARG A 359 9.34 6.16 16.75
CA ARG A 359 9.58 7.56 17.06
C ARG A 359 8.95 7.94 18.39
N LYS A 360 7.63 7.74 18.50
CA LYS A 360 6.90 8.03 19.75
C LYS A 360 7.53 7.32 20.94
N ALA A 361 7.86 6.04 20.77
CA ALA A 361 8.52 5.30 21.85
C ALA A 361 9.79 5.99 22.33
N TYR A 362 10.59 6.53 21.41
CA TYR A 362 11.82 7.20 21.86
C TYR A 362 11.49 8.50 22.57
N GLU A 363 10.46 9.20 22.12
CA GLU A 363 10.04 10.45 22.76
C GLU A 363 9.53 10.22 24.18
N ARG A 364 8.87 9.10 24.43
CA ARG A 364 8.31 8.79 25.73
C ARG A 364 9.18 7.82 26.54
N ASN A 365 10.48 7.75 26.23
CA ASN A 365 11.45 6.89 26.92
C ASN A 365 10.96 5.45 27.05
N GLU A 366 10.37 4.92 25.98
CA GLU A 366 9.87 3.55 25.98
C GLU A 366 10.81 2.64 25.18
N LEU A 367 11.58 1.80 25.89
CA LEU A 367 12.32 0.75 25.21
C LEU A 367 11.43 -0.02 24.25
N ALA A 368 11.77 0.01 22.97
CA ALA A 368 10.95 -0.70 21.98
C ALA A 368 11.19 -2.20 22.08
N PRO A 369 10.14 -3.01 21.97
CA PRO A 369 10.33 -4.45 22.01
C PRO A 369 10.87 -4.93 20.68
N ASN A 370 11.57 -6.05 20.73
CA ASN A 370 12.23 -6.51 19.52
C ASN A 370 11.19 -6.98 18.50
N LYS A 371 11.68 -7.49 17.44
CA LYS A 371 10.86 -8.19 16.48
C LYS A 371 10.94 -9.68 16.77
N PRO A 372 9.95 -10.47 16.40
CA PRO A 372 9.95 -11.87 16.82
C PRO A 372 11.02 -12.67 16.10
N ASP A 373 11.78 -13.46 16.85
CA ASP A 373 12.65 -14.43 16.19
C ASP A 373 11.78 -15.58 15.67
N GLU A 374 12.41 -16.65 15.21
CA GLU A 374 11.64 -17.69 14.54
C GLU A 374 10.67 -18.37 15.51
N LYS A 375 11.13 -18.66 16.73
CA LYS A 375 10.28 -19.35 17.69
C LYS A 375 9.08 -18.48 18.09
N GLU A 376 9.33 -17.25 18.52
CA GLU A 376 8.24 -16.39 18.94
C GLU A 376 7.25 -16.18 17.81
N LEU A 377 7.74 -15.97 16.61
CA LEU A 377 6.84 -15.85 15.47
C LEU A 377 6.06 -17.14 15.22
N ALA A 378 6.54 -18.29 15.73
CA ALA A 378 5.75 -19.51 15.61
C ALA A 378 4.67 -19.58 16.70
N ARG A 379 4.98 -19.16 17.94
CA ARG A 379 3.93 -19.16 18.94
C ARG A 379 2.93 -18.04 18.69
N ARG A 380 3.21 -17.17 17.72
CA ARG A 380 2.21 -16.19 17.27
C ARG A 380 1.30 -16.77 16.19
N ARG A 381 0.87 -18.02 16.37
CA ARG A 381 0.16 -18.80 15.36
C ARG A 381 -1.35 -18.63 15.42
N GLN A 382 -1.98 -19.03 16.53
CA GLN A 382 -3.43 -19.11 16.59
C GLN A 382 -4.09 -17.74 16.52
N SER A 383 -5.18 -17.67 15.77
CA SER A 383 -5.86 -16.45 15.41
C SER A 383 -6.85 -16.02 16.49
N TYR A 384 -7.76 -15.11 16.17
CA TYR A 384 -8.78 -14.68 17.11
C TYR A 384 -10.07 -14.41 16.36
N GLU A 385 -11.11 -14.08 17.12
CA GLU A 385 -12.42 -13.87 16.54
C GLU A 385 -12.56 -12.47 15.97
N GLY A 386 -13.14 -12.37 14.79
CA GLY A 386 -13.15 -11.09 14.11
C GLY A 386 -14.36 -10.27 14.45
N GLY A 387 -15.07 -9.86 13.44
CA GLY A 387 -16.29 -9.14 13.64
C GLY A 387 -17.50 -10.04 13.65
N TYR A 388 -18.65 -9.43 13.93
CA TYR A 388 -19.93 -10.09 13.78
C TYR A 388 -20.43 -9.84 12.37
N VAL A 389 -20.69 -10.90 11.62
CA VAL A 389 -21.35 -10.75 10.33
C VAL A 389 -22.67 -11.50 10.38
N LYS A 390 -23.75 -10.80 10.01
CA LYS A 390 -25.11 -11.34 10.02
C LYS A 390 -25.46 -11.92 8.66
N GLU A 391 -25.81 -13.22 8.63
CA GLU A 391 -26.34 -13.85 7.43
C GLU A 391 -27.56 -13.07 7.00
N PRO A 392 -27.50 -12.35 5.90
CA PRO A 392 -28.54 -11.35 5.60
C PRO A 392 -29.85 -11.98 5.18
N GLU A 393 -30.88 -11.14 5.22
CA GLU A 393 -32.17 -11.45 4.60
C GLU A 393 -32.00 -11.23 3.10
N ARG A 394 -31.51 -12.26 2.42
CA ARG A 394 -31.17 -12.13 1.01
C ARG A 394 -32.37 -11.69 0.19
N GLY A 395 -32.16 -10.68 -0.63
CA GLY A 395 -33.21 -10.19 -1.51
C GLY A 395 -33.17 -8.68 -1.60
N LEU A 396 -34.23 -8.14 -2.21
CA LEU A 396 -34.35 -6.70 -2.43
C LEU A 396 -35.20 -6.04 -1.34
N TRP A 397 -34.77 -4.87 -0.91
CA TRP A 397 -35.47 -4.10 0.10
C TRP A 397 -35.59 -2.67 -0.37
N GLU A 398 -36.59 -1.96 0.17
CA GLU A 398 -36.78 -0.56 -0.17
C GLU A 398 -36.69 0.31 1.08
N ASN A 399 -36.37 1.57 0.84
CA ASN A 399 -36.26 2.57 1.90
C ASN A 399 -35.32 2.07 3.00
N ILE A 400 -34.02 2.28 2.86
CA ILE A 400 -33.03 1.68 3.75
C ILE A 400 -32.08 2.74 4.28
N VAL A 401 -31.70 2.60 5.56
CA VAL A 401 -30.68 3.42 6.20
C VAL A 401 -29.51 2.52 6.60
N TYR A 402 -28.29 3.00 6.33
CA TYR A 402 -27.08 2.39 6.84
C TYR A 402 -26.60 3.26 8.00
N LEU A 403 -26.54 2.69 9.19
CA LEU A 403 -25.97 3.36 10.35
C LEU A 403 -24.72 2.59 10.70
N ASP A 404 -23.63 3.31 11.00
CA ASP A 404 -22.40 2.68 11.43
C ASP A 404 -21.81 3.50 12.57
N PHE A 405 -20.76 2.95 13.19
CA PHE A 405 -20.05 3.66 14.23
C PHE A 405 -18.99 4.55 13.60
N ARG A 406 -18.83 5.73 14.18
CA ARG A 406 -17.71 6.61 13.88
C ARG A 406 -16.45 5.95 14.40
N SER A 407 -15.73 5.24 13.53
CA SER A 407 -14.41 4.74 13.85
C SER A 407 -14.44 3.71 14.95
N LEU A 408 -15.17 2.59 14.75
CA LEU A 408 -15.39 1.64 15.83
C LEU A 408 -14.08 1.22 16.51
N TYR A 409 -13.17 0.66 15.75
CA TYR A 409 -12.00 0.09 16.38
C TYR A 409 -11.05 1.13 16.95
N PRO A 410 -10.81 2.28 16.32
CA PRO A 410 -9.98 3.27 17.01
C PRO A 410 -10.67 3.80 18.24
N SER A 411 -12.00 4.05 18.14
CA SER A 411 -12.77 4.57 19.27
C SER A 411 -12.80 3.60 20.44
N ILE A 412 -12.93 2.31 20.16
CA ILE A 412 -12.78 1.28 21.19
C ILE A 412 -11.42 1.37 21.88
N ILE A 413 -10.35 1.62 21.11
CA ILE A 413 -9.01 1.65 21.70
C ILE A 413 -8.87 2.81 22.65
N ILE A 414 -9.31 4.00 22.24
CA ILE A 414 -9.26 5.17 23.12
C ILE A 414 -10.19 4.96 24.31
N THR A 415 -11.42 4.54 24.04
CA THR A 415 -12.43 4.42 25.10
C THR A 415 -11.99 3.47 26.21
N HIS A 416 -11.58 2.25 25.85
CA HIS A 416 -11.20 1.27 26.85
C HIS A 416 -9.69 1.15 27.05
N ASN A 417 -8.92 2.10 26.51
CA ASN A 417 -7.47 2.18 26.70
C ASN A 417 -6.82 0.83 26.44
N VAL A 418 -7.14 0.25 25.29
CA VAL A 418 -6.55 -1.04 24.92
C VAL A 418 -5.10 -0.81 24.49
N SER A 419 -4.18 -1.37 25.26
CA SER A 419 -2.78 -1.11 25.02
C SER A 419 -1.99 -2.21 25.66
N PRO A 420 -0.91 -2.69 25.04
CA PRO A 420 -0.13 -3.76 25.68
C PRO A 420 0.36 -3.39 27.06
N ASP A 421 0.51 -2.10 27.36
CA ASP A 421 1.02 -1.61 28.64
C ASP A 421 -0.07 -1.46 29.70
N THR A 422 -1.34 -1.54 29.31
CA THR A 422 -2.43 -1.51 30.26
C THR A 422 -3.05 -2.88 30.48
N LEU A 423 -3.04 -3.71 29.42
CA LEU A 423 -3.47 -5.10 29.48
C LEU A 423 -2.98 -5.78 30.75
N ASN A 424 -3.89 -5.97 31.71
CA ASN A 424 -3.69 -6.81 32.89
C ASN A 424 -2.65 -6.21 33.84
N ARG A 425 -2.45 -4.90 33.80
CA ARG A 425 -1.49 -4.27 34.71
C ARG A 425 -2.06 -4.31 36.14
N GLU A 426 -1.33 -4.91 37.07
CA GLU A 426 -1.79 -5.03 38.44
C GLU A 426 -1.78 -3.68 39.15
N GLY A 427 -2.66 -3.55 40.15
CA GLY A 427 -2.58 -2.43 41.09
C GLY A 427 -3.26 -1.14 40.70
N CYS A 428 -4.16 -1.16 39.73
CA CYS A 428 -4.86 0.04 39.31
C CYS A 428 -6.16 0.24 40.10
N LYS A 429 -6.71 1.45 39.98
CA LYS A 429 -7.95 1.85 40.62
C LYS A 429 -9.18 1.54 39.78
N GLU A 430 -9.05 1.65 38.48
CA GLU A 430 -10.17 1.41 37.58
C GLU A 430 -9.66 0.50 36.46
N TYR A 431 -10.57 -0.32 35.94
CA TYR A 431 -10.32 -1.20 34.82
C TYR A 431 -11.56 -1.19 33.95
N ASP A 432 -11.37 -1.36 32.65
CA ASP A 432 -12.44 -1.79 31.75
C ASP A 432 -12.17 -3.24 31.39
N VAL A 433 -13.21 -4.07 31.48
CA VAL A 433 -13.10 -5.49 31.17
C VAL A 433 -13.76 -5.73 29.85
N ALA A 434 -13.07 -6.47 28.98
CA ALA A 434 -13.48 -6.75 27.61
C ALA A 434 -14.42 -7.95 27.58
N PRO A 435 -15.51 -7.86 26.82
CA PRO A 435 -16.44 -8.98 26.73
C PRO A 435 -15.82 -10.23 26.12
N GLN A 436 -16.44 -11.36 26.45
CA GLN A 436 -16.16 -12.68 25.92
C GLN A 436 -14.75 -13.16 26.29
N VAL A 437 -13.76 -12.27 26.33
CA VAL A 437 -12.37 -12.68 26.55
C VAL A 437 -11.82 -12.09 27.84
N GLY A 438 -12.37 -11.01 28.35
CA GLY A 438 -12.22 -10.71 29.76
C GLY A 438 -10.87 -10.20 30.17
N HIS A 439 -10.08 -9.71 29.23
CA HIS A 439 -8.84 -9.02 29.56
C HIS A 439 -9.15 -7.75 30.34
N ARG A 440 -8.32 -7.48 31.34
CA ARG A 440 -8.39 -6.24 32.09
C ARG A 440 -7.52 -5.20 31.41
N PHE A 441 -8.04 -4.00 31.22
CA PHE A 441 -7.24 -2.88 30.74
C PHE A 441 -7.25 -1.76 31.79
N CYS A 442 -6.09 -1.51 32.40
CA CYS A 442 -5.95 -0.48 33.41
C CYS A 442 -6.34 0.89 32.84
N LYS A 443 -7.14 1.64 33.61
CA LYS A 443 -7.65 2.92 33.17
C LYS A 443 -6.98 4.10 33.85
N ASP A 444 -6.01 3.86 34.75
CA ASP A 444 -5.50 4.94 35.57
C ASP A 444 -4.62 5.92 34.80
N PHE A 445 -4.01 5.49 33.70
CA PHE A 445 -3.18 6.29 32.82
C PHE A 445 -3.51 5.90 31.39
N PRO A 446 -3.37 6.84 30.45
CA PRO A 446 -3.54 6.49 29.04
C PRO A 446 -2.45 5.51 28.61
N GLY A 447 -2.83 4.50 27.84
CA GLY A 447 -1.85 3.61 27.29
C GLY A 447 -1.00 4.29 26.23
N PHE A 448 0.18 3.71 26.01
CA PHE A 448 1.07 4.10 24.94
C PHE A 448 0.29 4.24 23.63
N ILE A 449 -0.21 3.12 23.09
CA ILE A 449 -0.99 3.18 21.85
C ILE A 449 -2.21 4.07 21.94
N PRO A 450 -3.11 3.94 22.92
CA PRO A 450 -4.28 4.80 22.92
C PRO A 450 -3.90 6.24 23.06
N SER A 451 -2.85 6.55 23.79
CA SER A 451 -2.43 7.94 23.88
C SER A 451 -2.15 8.50 22.49
N LEU A 452 -1.56 7.68 21.61
CA LEU A 452 -1.23 8.14 20.26
C LEU A 452 -2.48 8.21 19.40
N LEU A 453 -3.25 7.12 19.38
CA LEU A 453 -4.55 7.13 18.69
C LEU A 453 -5.34 8.41 18.96
N GLY A 454 -5.57 8.74 20.23
CA GLY A 454 -6.32 9.95 20.52
C GLY A 454 -5.64 11.19 19.98
N ASP A 455 -4.35 11.33 20.25
CA ASP A 455 -3.56 12.44 19.74
C ASP A 455 -3.66 12.55 18.21
N LEU A 456 -3.64 11.42 17.52
CA LEU A 456 -3.87 11.42 16.09
C LEU A 456 -5.25 11.97 15.73
N LEU A 457 -6.31 11.38 16.27
CA LEU A 457 -7.66 11.75 15.86
C LEU A 457 -7.97 13.18 16.25
N GLU A 458 -7.41 13.64 17.37
CA GLU A 458 -7.57 15.04 17.74
C GLU A 458 -6.82 15.95 16.78
N GLU A 459 -5.58 15.57 16.46
CA GLU A 459 -4.80 16.32 15.48
C GLU A 459 -5.51 16.32 14.14
N ARG A 460 -6.05 15.16 13.72
CA ARG A 460 -6.86 15.12 12.51
C ARG A 460 -8.00 16.11 12.59
N GLN A 461 -8.55 16.32 13.79
CA GLN A 461 -9.70 17.20 13.93
C GLN A 461 -9.28 18.68 13.87
N LYS A 462 -8.18 19.06 14.52
CA LYS A 462 -7.68 20.43 14.36
C LYS A 462 -7.39 20.75 12.90
N ILE A 463 -6.88 19.76 12.13
CA ILE A 463 -6.46 19.99 10.75
C ILE A 463 -7.64 20.35 9.87
N LYS A 464 -8.66 19.50 9.86
CA LYS A 464 -9.90 19.82 9.14
C LYS A 464 -10.36 21.23 9.46
N LYS A 465 -10.23 21.64 10.72
CA LYS A 465 -10.62 22.96 11.16
C LYS A 465 -9.73 24.03 10.51
N LYS A 466 -8.41 23.82 10.54
CA LYS A 466 -7.50 24.74 9.88
C LYS A 466 -7.72 24.75 8.36
N MET A 467 -8.08 23.60 7.79
CA MET A 467 -8.41 23.55 6.37
C MET A 467 -9.53 24.52 6.06
N LYS A 468 -10.67 24.37 6.74
CA LYS A 468 -11.87 25.11 6.39
C LYS A 468 -11.67 26.61 6.55
N ALA A 469 -10.80 27.04 7.47
CA ALA A 469 -10.53 28.45 7.69
C ALA A 469 -9.27 28.94 7.00
N THR A 470 -8.61 28.13 6.18
CA THR A 470 -7.37 28.59 5.60
C THR A 470 -7.61 29.22 4.22
N ILE A 471 -6.58 29.96 3.77
CA ILE A 471 -6.70 30.88 2.64
C ILE A 471 -5.69 30.48 1.57
N ASP A 472 -4.54 29.96 1.99
CA ASP A 472 -3.53 29.41 1.07
C ASP A 472 -3.99 28.09 0.50
N PRO A 473 -4.47 28.02 -0.75
CA PRO A 473 -4.97 26.74 -1.27
C PRO A 473 -3.89 25.68 -1.38
N ILE A 474 -2.62 26.08 -1.50
CA ILE A 474 -1.53 25.12 -1.38
C ILE A 474 -1.55 24.48 0.00
N GLU A 475 -1.71 25.32 1.04
CA GLU A 475 -1.77 24.80 2.41
C GLU A 475 -2.94 23.85 2.58
N ARG A 476 -4.13 24.27 2.13
CA ARG A 476 -5.33 23.46 2.30
C ARG A 476 -5.14 22.05 1.71
N LYS A 477 -4.62 21.97 0.48
CA LYS A 477 -4.48 20.67 -0.15
C LYS A 477 -3.50 19.81 0.64
N LEU A 478 -2.47 20.44 1.20
CA LEU A 478 -1.46 19.71 1.97
C LEU A 478 -2.05 19.15 3.26
N LEU A 479 -2.70 20.03 4.03
CA LEU A 479 -3.42 19.60 5.22
C LEU A 479 -4.35 18.44 4.92
N ASP A 480 -5.18 18.60 3.89
CA ASP A 480 -6.07 17.51 3.51
C ASP A 480 -5.29 16.20 3.35
N TYR A 481 -4.18 16.22 2.62
CA TYR A 481 -3.41 14.99 2.47
C TYR A 481 -2.94 14.45 3.81
N ARG A 482 -2.61 15.33 4.75
CA ARG A 482 -2.06 14.87 6.03
C ARG A 482 -3.09 14.11 6.84
N GLN A 483 -4.27 14.69 7.02
CA GLN A 483 -5.26 14.06 7.88
C GLN A 483 -5.81 12.78 7.27
N ARG A 484 -5.95 12.74 5.93
CA ARG A 484 -6.33 11.50 5.27
C ARG A 484 -5.31 10.40 5.57
N ARG A 485 -4.04 10.75 5.60
CA ARG A 485 -3.03 9.81 6.02
C ARG A 485 -3.15 9.50 7.50
N ILE A 486 -3.56 10.50 8.30
CA ILE A 486 -3.76 10.25 9.72
C ILE A 486 -4.92 9.29 9.93
N LYS A 487 -6.04 9.53 9.25
CA LYS A 487 -7.14 8.56 9.21
C LYS A 487 -6.60 7.16 8.96
N ILE A 488 -5.86 6.98 7.86
CA ILE A 488 -5.38 5.63 7.54
C ILE A 488 -4.36 5.15 8.58
N LEU A 489 -3.64 6.06 9.22
CA LEU A 489 -2.71 5.64 10.26
C LEU A 489 -3.48 5.18 11.48
N ALA A 490 -4.43 5.98 11.92
CA ALA A 490 -5.33 5.56 12.98
C ALA A 490 -5.89 4.19 12.66
N SER A 491 -6.47 4.05 11.49
CA SER A 491 -7.24 2.86 11.21
C SER A 491 -6.37 1.68 10.91
N SER A 492 -5.06 1.83 11.06
CA SER A 492 -4.14 0.72 10.89
C SER A 492 -3.68 0.14 12.22
N TYR A 493 -4.23 0.62 13.34
CA TYR A 493 -3.74 0.21 14.66
C TYR A 493 -4.24 -1.16 15.07
N TYR A 494 -5.51 -1.47 14.84
CA TYR A 494 -6.04 -2.74 15.32
C TYR A 494 -5.33 -3.90 14.64
N GLY A 495 -5.22 -3.85 13.31
CA GLY A 495 -4.48 -4.90 12.61
C GLY A 495 -3.06 -5.05 13.12
N TYR A 496 -2.36 -3.93 13.33
CA TYR A 496 -1.02 -4.02 13.88
C TYR A 496 -0.97 -4.87 15.12
N TYR A 497 -2.02 -4.83 15.94
CA TYR A 497 -2.02 -5.65 17.14
C TYR A 497 -1.95 -7.12 16.78
N GLY A 498 -2.71 -7.53 15.78
CA GLY A 498 -2.73 -8.92 15.40
C GLY A 498 -1.79 -9.27 14.28
N TYR A 499 -0.88 -8.36 13.93
CA TYR A 499 0.11 -8.56 12.87
C TYR A 499 1.29 -9.35 13.42
N ALA A 500 1.41 -10.62 13.01
CA ALA A 500 2.29 -11.56 13.73
C ALA A 500 3.73 -11.11 13.82
N ARG A 501 4.19 -10.27 12.89
CA ARG A 501 5.57 -9.79 12.85
C ARG A 501 5.79 -8.51 13.64
N ALA A 502 4.75 -7.93 14.23
CA ALA A 502 4.88 -6.59 14.78
C ALA A 502 5.69 -6.56 16.07
N ARG A 503 6.40 -5.45 16.25
CA ARG A 503 7.27 -5.31 17.41
C ARG A 503 6.44 -5.15 18.66
N TRP A 504 5.30 -4.44 18.55
CA TRP A 504 4.35 -4.28 19.65
C TRP A 504 3.13 -5.18 19.53
N TYR A 505 3.25 -6.32 18.86
CA TYR A 505 2.12 -7.22 18.69
C TYR A 505 1.57 -7.63 20.05
N CYS A 506 0.26 -7.49 20.20
CA CYS A 506 -0.46 -7.88 21.41
C CYS A 506 -1.71 -8.59 20.92
N LYS A 507 -1.67 -9.93 20.91
CA LYS A 507 -2.87 -10.64 20.50
C LYS A 507 -4.03 -10.26 21.38
N GLU A 508 -3.78 -10.22 22.69
CA GLU A 508 -4.83 -9.91 23.65
C GLU A 508 -5.49 -8.58 23.33
N CYS A 509 -4.68 -7.55 23.09
CA CYS A 509 -5.25 -6.27 22.69
C CYS A 509 -6.17 -6.44 21.49
N ALA A 510 -5.82 -7.36 20.57
CA ALA A 510 -6.51 -7.42 19.28
C ALA A 510 -7.87 -8.08 19.41
N GLU A 511 -7.92 -9.25 20.06
CA GLU A 511 -9.21 -9.93 20.27
C GLU A 511 -10.13 -9.14 21.17
N SER A 512 -9.60 -8.53 22.24
CA SER A 512 -10.38 -7.55 23.00
C SER A 512 -11.11 -6.60 22.08
N VAL A 513 -10.37 -5.87 21.23
CA VAL A 513 -10.99 -4.85 20.37
C VAL A 513 -12.13 -5.44 19.56
N THR A 514 -11.96 -6.65 19.00
CA THR A 514 -13.04 -7.23 18.21
C THR A 514 -14.18 -7.71 19.09
N ALA A 515 -13.87 -8.16 20.31
CA ALA A 515 -14.94 -8.58 21.22
C ALA A 515 -15.83 -7.40 21.61
N TRP A 516 -15.22 -6.28 22.04
CA TRP A 516 -16.01 -5.07 22.25
C TRP A 516 -16.84 -4.73 21.02
N GLY A 517 -16.18 -4.60 19.86
CA GLY A 517 -16.88 -4.30 18.63
C GLY A 517 -18.14 -5.12 18.45
N ARG A 518 -18.10 -6.39 18.82
CA ARG A 518 -19.28 -7.24 18.66
C ARG A 518 -20.33 -6.94 19.73
N GLU A 519 -19.91 -6.66 20.96
CA GLU A 519 -20.87 -6.25 21.98
C GLU A 519 -21.56 -4.98 21.56
N TYR A 520 -20.80 -4.01 21.05
CA TYR A 520 -21.40 -2.75 20.66
C TYR A 520 -22.30 -2.92 19.46
N ILE A 521 -21.92 -3.79 18.53
CA ILE A 521 -22.72 -3.92 17.32
C ILE A 521 -23.98 -4.73 17.59
N THR A 522 -23.86 -5.77 18.43
CA THR A 522 -24.99 -6.64 18.73
C THR A 522 -26.04 -5.91 19.55
N MET A 523 -25.61 -5.31 20.66
CA MET A 523 -26.49 -4.50 21.49
C MET A 523 -27.19 -3.41 20.68
N THR A 524 -26.51 -2.78 19.73
CA THR A 524 -27.17 -1.74 18.94
C THR A 524 -28.22 -2.36 18.02
N ILE A 525 -28.07 -3.62 17.65
CA ILE A 525 -29.04 -4.24 16.75
C ILE A 525 -30.27 -4.69 17.52
N LYS A 526 -30.07 -5.33 18.68
CA LYS A 526 -31.22 -5.67 19.51
C LYS A 526 -32.01 -4.42 19.84
N GLU A 527 -31.32 -3.35 20.22
CA GLU A 527 -32.01 -2.14 20.62
C GLU A 527 -32.68 -1.41 19.45
N ILE A 528 -32.35 -1.73 18.21
CA ILE A 528 -33.08 -1.10 17.10
C ILE A 528 -34.26 -1.97 16.63
N GLU A 529 -34.20 -3.28 16.84
CA GLU A 529 -35.35 -4.12 16.50
C GLU A 529 -36.43 -4.06 17.60
N GLU A 530 -36.09 -4.51 18.81
CA GLU A 530 -37.07 -4.59 19.89
C GLU A 530 -37.56 -3.22 20.30
N LYS A 531 -36.62 -2.31 20.60
CA LYS A 531 -37.01 -1.01 21.11
C LYS A 531 -37.56 -0.08 20.02
N TYR A 532 -37.04 -0.11 18.79
CA TYR A 532 -37.50 0.85 17.80
C TYR A 532 -38.14 0.22 16.57
N GLY A 533 -38.38 -1.09 16.57
CA GLY A 533 -39.17 -1.68 15.51
C GLY A 533 -38.56 -1.68 14.13
N PHE A 534 -37.27 -1.39 14.00
CA PHE A 534 -36.62 -1.56 12.71
C PHE A 534 -36.40 -3.05 12.45
N LYS A 535 -36.18 -3.38 11.18
CA LYS A 535 -35.76 -4.72 10.78
C LYS A 535 -34.33 -4.61 10.25
N VAL A 536 -33.42 -5.36 10.86
CA VAL A 536 -32.01 -5.30 10.52
C VAL A 536 -31.78 -6.28 9.36
N ILE A 537 -31.65 -5.73 8.15
CA ILE A 537 -31.55 -6.53 6.93
C ILE A 537 -30.17 -7.18 6.81
N TYR A 538 -29.13 -6.52 7.31
CA TYR A 538 -27.78 -7.03 7.15
C TYR A 538 -26.85 -6.24 8.05
N SER A 539 -25.87 -6.94 8.63
CA SER A 539 -24.95 -6.28 9.53
C SER A 539 -23.56 -6.91 9.44
N ASP A 540 -22.55 -6.05 9.44
CA ASP A 540 -21.16 -6.46 9.18
C ASP A 540 -20.24 -5.56 10.02
N THR A 541 -19.73 -6.11 11.12
CA THR A 541 -18.66 -5.53 11.94
C THR A 541 -19.00 -4.21 12.62
N ASP A 542 -19.12 -3.13 11.84
CA ASP A 542 -19.23 -1.82 12.45
C ASP A 542 -20.49 -1.07 12.06
N GLY A 543 -21.46 -1.74 11.44
CA GLY A 543 -22.67 -1.06 11.00
C GLY A 543 -23.67 -2.06 10.46
N PHE A 544 -24.86 -1.55 10.17
CA PHE A 544 -25.94 -2.39 9.68
C PHE A 544 -26.86 -1.58 8.77
N PHE A 545 -27.54 -2.31 7.88
CA PHE A 545 -28.65 -1.81 7.09
C PHE A 545 -29.94 -2.23 7.76
N ALA A 546 -30.88 -1.28 7.88
CA ALA A 546 -32.12 -1.53 8.58
C ALA A 546 -33.24 -0.79 7.86
N THR A 547 -34.47 -1.14 8.23
CA THR A 547 -35.65 -0.47 7.69
C THR A 547 -36.87 -0.83 8.54
N ILE A 548 -37.90 -0.03 8.41
CA ILE A 548 -39.17 -0.34 9.05
C ILE A 548 -40.14 -0.80 7.98
N PRO A 549 -40.36 -2.11 7.82
CA PRO A 549 -41.15 -2.61 6.70
C PRO A 549 -42.51 -1.93 6.60
N GLY A 550 -42.86 -1.52 5.39
CA GLY A 550 -44.13 -0.86 5.16
C GLY A 550 -44.18 0.61 5.55
N ALA A 551 -43.15 1.14 6.22
CA ALA A 551 -43.15 2.53 6.64
C ALA A 551 -42.72 3.46 5.51
N ASP A 552 -42.92 4.76 5.73
CA ASP A 552 -42.71 5.76 4.70
C ASP A 552 -41.23 5.88 4.36
N ALA A 553 -40.96 6.39 3.16
CA ALA A 553 -39.59 6.73 2.80
C ALA A 553 -39.01 7.76 3.76
N GLU A 554 -39.82 8.71 4.22
CA GLU A 554 -39.35 9.78 5.10
C GLU A 554 -39.76 9.56 6.54
N THR A 555 -40.43 8.46 6.83
CA THR A 555 -40.55 8.01 8.20
C THR A 555 -39.30 7.28 8.65
N VAL A 556 -38.87 6.28 7.88
CA VAL A 556 -37.69 5.51 8.27
C VAL A 556 -36.52 6.44 8.55
N LYS A 557 -36.27 7.40 7.65
CA LYS A 557 -35.24 8.40 7.87
C LYS A 557 -35.38 9.04 9.24
N LYS A 558 -36.60 9.47 9.58
CA LYS A 558 -36.83 10.23 10.80
C LYS A 558 -36.66 9.34 12.04
N LYS A 559 -37.32 8.18 12.06
CA LYS A 559 -37.19 7.30 13.22
C LYS A 559 -35.76 6.80 13.39
N ALA A 560 -35.01 6.70 12.29
CA ALA A 560 -33.60 6.40 12.42
C ALA A 560 -32.90 7.50 13.24
N MET A 561 -33.02 8.75 12.80
CA MET A 561 -32.42 9.88 13.52
C MET A 561 -32.78 9.85 15.00
N GLU A 562 -34.02 9.46 15.33
CA GLU A 562 -34.43 9.29 16.71
C GLU A 562 -33.62 8.21 17.43
N PHE A 563 -33.31 7.11 16.73
CA PHE A 563 -32.56 6.04 17.37
C PHE A 563 -31.11 6.43 17.62
N LEU A 564 -30.53 7.26 16.75
CA LEU A 564 -29.20 7.76 17.03
C LEU A 564 -29.18 8.51 18.37
N LYS A 565 -30.10 9.48 18.53
CA LYS A 565 -30.26 10.16 19.82
C LYS A 565 -30.34 9.17 20.97
N TYR A 566 -31.23 8.18 20.85
CA TYR A 566 -31.33 7.16 21.88
C TYR A 566 -29.99 6.47 22.11
N ILE A 567 -29.51 5.76 21.09
CA ILE A 567 -28.40 4.81 21.27
C ILE A 567 -27.14 5.52 21.71
N ASN A 568 -26.93 6.76 21.25
CA ASN A 568 -25.68 7.44 21.52
C ASN A 568 -25.52 7.78 22.98
N ALA A 569 -26.61 8.21 23.63
CA ALA A 569 -26.59 8.38 25.08
C ALA A 569 -26.14 7.11 25.79
N LYS A 570 -26.41 5.94 25.21
CA LYS A 570 -26.06 4.67 25.84
C LYS A 570 -24.66 4.19 25.53
N LEU A 571 -23.95 4.82 24.58
CA LEU A 571 -22.62 4.38 24.15
C LEU A 571 -21.52 5.14 24.90
N PRO A 572 -20.56 4.46 25.53
CA PRO A 572 -19.58 5.15 26.36
C PRO A 572 -18.49 5.86 25.56
N GLY A 573 -17.95 6.93 26.13
CA GLY A 573 -16.80 7.62 25.58
C GLY A 573 -17.04 8.10 24.15
N ALA A 574 -16.04 7.83 23.28
CA ALA A 574 -16.09 8.25 21.89
C ALA A 574 -16.80 7.27 20.98
N LEU A 575 -17.32 6.17 21.51
CA LEU A 575 -18.24 5.34 20.73
C LEU A 575 -19.44 6.15 20.30
N GLU A 576 -19.97 5.82 19.12
CA GLU A 576 -20.95 6.70 18.52
C GLU A 576 -21.49 6.15 17.22
N LEU A 577 -22.75 5.73 17.21
CA LEU A 577 -23.44 5.40 15.97
C LEU A 577 -23.81 6.67 15.25
N GLU A 578 -23.62 6.67 13.93
CA GLU A 578 -23.89 7.82 13.08
C GLU A 578 -24.78 7.41 11.91
N TYR A 579 -25.41 8.41 11.28
CA TYR A 579 -26.27 8.18 10.12
C TYR A 579 -25.43 8.32 8.86
N GLU A 580 -25.23 7.22 8.14
CA GLU A 580 -24.33 7.22 7.00
C GLU A 580 -25.03 7.65 5.72
N GLY A 581 -26.31 7.33 5.57
CA GLY A 581 -27.02 7.67 4.36
C GLY A 581 -28.22 6.78 4.15
N PHE A 582 -29.06 7.20 3.23
CA PHE A 582 -30.32 6.53 2.98
C PHE A 582 -30.36 6.07 1.52
N TYR A 583 -30.86 4.85 1.31
CA TYR A 583 -30.84 4.26 -0.01
C TYR A 583 -32.22 3.75 -0.37
N LYS A 584 -32.83 4.38 -1.37
CA LYS A 584 -34.18 4.06 -1.80
C LYS A 584 -34.36 2.58 -2.16
N ARG A 585 -33.27 1.81 -2.27
CA ARG A 585 -33.38 0.42 -2.69
C ARG A 585 -32.06 -0.29 -2.44
N GLY A 586 -32.14 -1.60 -2.16
CA GLY A 586 -30.95 -2.37 -1.88
C GLY A 586 -31.06 -3.89 -1.95
N PHE A 587 -30.16 -4.53 -2.70
CA PHE A 587 -30.17 -5.97 -2.92
C PHE A 587 -29.02 -6.61 -2.15
N PHE A 588 -29.31 -7.70 -1.45
CA PHE A 588 -28.34 -8.35 -0.57
C PHE A 588 -28.17 -9.80 -1.02
N VAL A 589 -26.97 -10.13 -1.49
CA VAL A 589 -26.78 -11.41 -2.17
C VAL A 589 -26.46 -12.50 -1.16
N THR A 590 -25.45 -12.26 -0.34
CA THR A 590 -24.98 -13.18 0.69
C THR A 590 -24.35 -12.31 1.76
N LYS A 591 -23.67 -12.94 2.70
CA LYS A 591 -22.71 -12.18 3.50
C LYS A 591 -21.76 -11.40 2.59
N LYS A 592 -21.66 -10.09 2.86
CA LYS A 592 -20.65 -9.20 2.26
C LYS A 592 -20.81 -9.05 0.75
N LYS A 593 -22.04 -9.27 0.27
CA LYS A 593 -22.36 -9.15 -1.15
C LYS A 593 -23.65 -8.34 -1.25
N TYR A 594 -23.54 -7.04 -1.50
CA TYR A 594 -24.71 -6.18 -1.49
C TYR A 594 -24.56 -5.01 -2.47
N ALA A 595 -25.61 -4.21 -2.55
CA ALA A 595 -25.68 -3.10 -3.48
C ALA A 595 -26.89 -2.21 -3.21
N VAL A 596 -26.64 -0.97 -2.79
CA VAL A 596 -27.69 0.00 -2.50
C VAL A 596 -27.60 1.13 -3.50
N ILE A 597 -28.73 1.78 -3.75
CA ILE A 597 -28.80 2.96 -4.61
C ILE A 597 -29.44 4.09 -3.82
N ASP A 598 -28.86 5.28 -3.90
CA ASP A 598 -29.33 6.37 -3.07
C ASP A 598 -30.44 7.15 -3.80
N GLU A 599 -30.91 8.22 -3.17
CA GLU A 599 -31.99 8.96 -3.78
C GLU A 599 -31.53 9.71 -5.03
N GLU A 600 -30.23 9.98 -5.14
CA GLU A 600 -29.71 10.61 -6.35
C GLU A 600 -29.62 9.63 -7.52
N GLY A 601 -29.41 8.35 -7.25
CA GLY A 601 -29.28 7.33 -8.27
C GLY A 601 -27.92 6.66 -8.31
N LYS A 602 -26.92 7.20 -7.61
CA LYS A 602 -25.63 6.55 -7.53
C LYS A 602 -25.77 5.17 -6.89
N ILE A 603 -25.13 4.18 -7.50
CA ILE A 603 -25.13 2.81 -7.00
C ILE A 603 -23.79 2.52 -6.36
N THR A 604 -23.83 1.93 -5.16
CA THR A 604 -22.64 1.52 -4.45
C THR A 604 -22.74 0.02 -4.19
N THR A 605 -21.65 -0.69 -4.38
CA THR A 605 -21.68 -2.13 -4.26
C THR A 605 -20.75 -2.55 -3.15
N GLY A 606 -20.98 -3.75 -2.64
CA GLY A 606 -20.04 -4.32 -1.71
C GLY A 606 -19.82 -5.80 -1.93
N GLY A 607 -18.56 -6.18 -2.07
CA GLY A 607 -18.19 -7.55 -2.31
C GLY A 607 -18.63 -8.07 -3.66
N LEU A 608 -19.01 -7.19 -4.56
CA LEU A 608 -19.61 -7.64 -5.79
C LEU A 608 -18.54 -7.84 -6.85
N GLU A 609 -18.83 -8.73 -7.81
CA GLU A 609 -17.86 -9.03 -8.86
C GLU A 609 -17.52 -7.78 -9.67
N ILE A 610 -18.47 -6.83 -9.74
CA ILE A 610 -18.42 -5.60 -10.53
C ILE A 610 -17.14 -4.82 -10.26
N VAL A 611 -16.31 -5.30 -9.35
CA VAL A 611 -15.26 -4.49 -8.77
C VAL A 611 -14.03 -5.35 -8.61
N ARG A 612 -14.09 -6.59 -9.10
CA ARG A 612 -13.00 -7.54 -8.96
C ARG A 612 -12.15 -7.59 -10.23
N ARG A 613 -10.83 -7.64 -10.02
CA ARG A 613 -9.92 -7.78 -11.14
C ARG A 613 -9.92 -9.19 -11.71
N ASP A 614 -10.29 -10.20 -10.92
CA ASP A 614 -10.28 -11.57 -11.39
C ASP A 614 -11.61 -11.97 -12.03
N TRP A 615 -12.41 -11.00 -12.45
CA TRP A 615 -13.59 -11.21 -13.26
C TRP A 615 -13.50 -10.33 -14.49
N SER A 616 -13.99 -10.86 -15.61
CA SER A 616 -13.80 -10.17 -16.87
C SER A 616 -14.67 -8.92 -16.93
N GLU A 617 -14.20 -7.93 -17.69
CA GLU A 617 -14.97 -6.70 -17.80
C GLU A 617 -16.32 -6.93 -18.47
N ILE A 618 -16.51 -8.05 -19.19
CA ILE A 618 -17.83 -8.30 -19.78
C ILE A 618 -18.80 -8.77 -18.71
N ALA A 619 -18.34 -9.58 -17.77
CA ALA A 619 -19.20 -9.93 -16.65
C ALA A 619 -19.52 -8.69 -15.83
N LYS A 620 -18.46 -8.04 -15.34
CA LYS A 620 -18.65 -6.90 -14.46
C LYS A 620 -19.53 -5.85 -15.12
N GLU A 621 -19.38 -5.66 -16.43
CA GLU A 621 -20.22 -4.70 -17.12
C GLU A 621 -21.67 -5.15 -17.14
N THR A 622 -21.90 -6.42 -17.46
CA THR A 622 -23.27 -6.89 -17.54
C THR A 622 -23.93 -6.90 -16.17
N GLN A 623 -23.20 -7.36 -15.14
CA GLN A 623 -23.75 -7.31 -13.80
C GLN A 623 -24.15 -5.89 -13.41
N ALA A 624 -23.38 -4.88 -13.84
CA ALA A 624 -23.70 -3.49 -13.52
C ALA A 624 -25.01 -3.03 -14.18
N ARG A 625 -25.12 -3.20 -15.51
CA ARG A 625 -26.36 -2.86 -16.20
C ARG A 625 -27.54 -3.65 -15.64
N VAL A 626 -27.28 -4.86 -15.13
CA VAL A 626 -28.27 -5.60 -14.37
C VAL A 626 -28.66 -4.83 -13.11
N LEU A 627 -27.66 -4.36 -12.36
CA LEU A 627 -27.95 -3.60 -11.14
C LEU A 627 -28.64 -2.29 -11.46
N GLU A 628 -28.33 -1.66 -12.59
CA GLU A 628 -29.08 -0.47 -12.91
C GLU A 628 -30.54 -0.81 -13.20
N ALA A 629 -30.77 -1.89 -13.95
CA ALA A 629 -32.14 -2.22 -14.34
C ALA A 629 -33.02 -2.53 -13.15
N LEU A 630 -32.46 -3.04 -12.06
CA LEU A 630 -33.24 -3.23 -10.84
C LEU A 630 -33.34 -1.95 -10.04
N LEU A 631 -32.22 -1.53 -9.48
CA LEU A 631 -32.23 -0.48 -8.47
C LEU A 631 -32.65 0.86 -9.08
N LYS A 632 -32.10 1.21 -10.23
CA LYS A 632 -32.35 2.52 -10.83
C LYS A 632 -33.61 2.55 -11.68
N ASP A 633 -34.00 1.43 -12.28
CA ASP A 633 -35.12 1.42 -13.22
C ASP A 633 -36.30 0.56 -12.76
N GLY A 634 -36.10 -0.36 -11.81
CA GLY A 634 -37.12 -1.34 -11.50
C GLY A 634 -37.46 -2.34 -12.59
N ASP A 635 -36.74 -2.30 -13.72
CA ASP A 635 -37.05 -3.13 -14.88
C ASP A 635 -36.39 -4.50 -14.69
N VAL A 636 -37.12 -5.41 -14.02
CA VAL A 636 -36.65 -6.78 -13.88
C VAL A 636 -36.53 -7.47 -15.24
N GLU A 637 -37.47 -7.19 -16.14
CA GLU A 637 -37.42 -7.82 -17.46
C GLU A 637 -36.20 -7.35 -18.23
N LYS A 638 -36.03 -6.02 -18.36
CA LYS A 638 -34.85 -5.47 -18.99
C LYS A 638 -33.57 -6.03 -18.40
N ALA A 639 -33.54 -6.26 -17.09
CA ALA A 639 -32.39 -6.95 -16.52
C ALA A 639 -32.24 -8.39 -17.02
N VAL A 640 -33.20 -8.93 -17.74
CA VAL A 640 -33.03 -10.24 -18.34
C VAL A 640 -32.82 -10.14 -19.85
N ARG A 641 -33.56 -9.24 -20.50
CA ARG A 641 -33.31 -8.97 -21.90
C ARG A 641 -31.91 -8.39 -22.11
N ILE A 642 -31.31 -7.80 -21.06
CA ILE A 642 -29.92 -7.37 -21.17
C ILE A 642 -28.99 -8.56 -21.17
N VAL A 643 -29.16 -9.48 -20.24
CA VAL A 643 -28.33 -10.68 -20.25
C VAL A 643 -28.57 -11.49 -21.51
N LYS A 644 -29.84 -11.69 -21.88
CA LYS A 644 -30.15 -12.48 -23.08
C LYS A 644 -29.51 -11.89 -24.32
N GLU A 645 -29.37 -10.57 -24.37
CA GLU A 645 -28.70 -9.93 -25.51
C GLU A 645 -27.18 -9.92 -25.36
N VAL A 646 -26.66 -9.98 -24.14
CA VAL A 646 -25.20 -10.01 -23.98
C VAL A 646 -24.66 -11.41 -24.30
N THR A 647 -25.37 -12.45 -23.85
CA THR A 647 -24.96 -13.80 -24.20
C THR A 647 -24.95 -14.02 -25.71
N GLU A 648 -25.82 -13.33 -26.44
CA GLU A 648 -25.81 -13.54 -27.87
C GLU A 648 -24.62 -12.83 -28.48
N LYS A 649 -24.19 -11.73 -27.86
CA LYS A 649 -23.00 -11.05 -28.34
C LYS A 649 -21.73 -11.88 -28.14
N LEU A 650 -21.77 -12.88 -27.25
CA LEU A 650 -20.62 -13.75 -27.09
C LEU A 650 -20.72 -15.00 -27.96
N SER A 651 -21.90 -15.59 -28.09
CA SER A 651 -22.04 -16.76 -28.93
C SER A 651 -21.77 -16.43 -30.39
N LYS A 652 -21.93 -15.17 -30.79
CA LYS A 652 -21.60 -14.72 -32.14
C LYS A 652 -20.30 -13.89 -32.18
N TYR A 653 -19.48 -13.99 -31.13
CA TYR A 653 -18.13 -13.41 -31.09
C TYR A 653 -18.11 -11.91 -31.42
N GLU A 654 -19.23 -11.22 -31.20
CA GLU A 654 -19.34 -9.81 -31.51
C GLU A 654 -18.83 -8.90 -30.38
N VAL A 655 -18.27 -9.44 -29.31
CA VAL A 655 -17.88 -8.54 -28.22
C VAL A 655 -16.35 -8.48 -28.23
N PRO A 656 -15.75 -7.31 -28.02
CA PRO A 656 -14.28 -7.16 -28.07
C PRO A 656 -13.56 -8.09 -27.11
N PRO A 657 -12.48 -8.72 -27.57
CA PRO A 657 -11.67 -9.55 -26.65
C PRO A 657 -11.14 -8.77 -25.46
N GLU A 658 -10.86 -7.47 -25.64
CA GLU A 658 -10.33 -6.64 -24.56
C GLU A 658 -11.20 -6.70 -23.31
N LYS A 659 -12.48 -7.06 -23.45
CA LYS A 659 -13.35 -7.20 -22.30
C LYS A 659 -13.19 -8.56 -21.61
N LEU A 660 -12.69 -9.58 -22.32
CA LEU A 660 -12.62 -10.93 -21.80
C LEU A 660 -11.35 -11.22 -21.02
N VAL A 661 -10.46 -10.27 -20.87
CA VAL A 661 -9.21 -10.54 -20.15
C VAL A 661 -9.53 -10.60 -18.65
N ILE A 662 -8.97 -11.61 -17.99
CA ILE A 662 -9.04 -11.82 -16.55
C ILE A 662 -7.67 -11.53 -15.95
N HIS A 663 -7.63 -10.67 -14.93
CA HIS A 663 -6.39 -10.30 -14.27
C HIS A 663 -6.30 -10.97 -12.91
N GLU A 664 -5.18 -11.63 -12.64
CA GLU A 664 -4.95 -12.25 -11.35
C GLU A 664 -3.50 -12.01 -10.96
N GLN A 665 -3.22 -12.18 -9.68
CA GLN A 665 -1.92 -11.81 -9.15
C GLN A 665 -1.15 -13.07 -8.74
N ILE A 666 0.16 -12.93 -8.77
CA ILE A 666 1.08 -13.99 -8.36
C ILE A 666 1.61 -13.59 -7.00
N THR A 667 1.50 -14.49 -6.02
CA THR A 667 1.76 -14.17 -4.63
C THR A 667 2.94 -14.91 -4.02
N ARG A 668 3.75 -15.59 -4.83
CA ARG A 668 4.81 -16.47 -4.34
C ARG A 668 5.81 -16.71 -5.46
N ASP A 669 6.81 -17.56 -5.18
CA ASP A 669 7.60 -18.11 -6.27
C ASP A 669 6.81 -19.24 -6.92
N LEU A 670 6.84 -19.26 -8.25
CA LEU A 670 6.06 -20.22 -9.03
C LEU A 670 6.31 -21.66 -8.59
N LYS A 671 7.49 -21.92 -8.02
CA LYS A 671 7.82 -23.25 -7.51
C LYS A 671 6.97 -23.66 -6.31
N ASP A 672 6.24 -22.72 -5.70
CA ASP A 672 5.57 -22.93 -4.42
C ASP A 672 4.07 -23.05 -4.51
N TYR A 673 3.51 -23.11 -5.73
CA TYR A 673 2.07 -23.29 -5.90
C TYR A 673 1.74 -24.78 -5.76
N LYS A 674 1.19 -25.16 -4.59
CA LYS A 674 0.77 -26.54 -4.38
C LYS A 674 -0.18 -27.03 -5.47
N ALA A 675 -0.95 -26.11 -6.06
CA ALA A 675 -1.92 -26.42 -7.08
C ALA A 675 -1.87 -25.31 -8.12
N THR A 676 -1.98 -25.71 -9.38
CA THR A 676 -1.81 -24.79 -10.51
C THR A 676 -3.18 -24.51 -11.14
N GLY A 677 -3.71 -23.33 -10.85
CA GLY A 677 -4.83 -22.79 -11.58
C GLY A 677 -4.35 -22.18 -12.89
N PRO A 678 -5.24 -21.41 -13.53
CA PRO A 678 -4.95 -20.87 -14.87
C PRO A 678 -4.01 -19.66 -14.95
N HIS A 679 -3.90 -18.87 -13.88
CA HIS A 679 -2.94 -17.78 -13.94
C HIS A 679 -1.54 -18.29 -13.68
N VAL A 680 -1.40 -19.32 -12.84
CA VAL A 680 -0.09 -19.94 -12.68
C VAL A 680 0.22 -20.81 -13.87
N ALA A 681 -0.81 -21.31 -14.55
CA ALA A 681 -0.60 -21.94 -15.84
C ALA A 681 0.12 -20.98 -16.79
N VAL A 682 -0.49 -19.84 -17.09
CA VAL A 682 0.14 -18.86 -17.98
C VAL A 682 1.47 -18.38 -17.42
N ALA A 683 1.54 -18.10 -16.12
CA ALA A 683 2.79 -17.60 -15.54
C ALA A 683 3.93 -18.60 -15.74
N LYS A 684 3.72 -19.86 -15.34
CA LYS A 684 4.71 -20.90 -15.61
C LYS A 684 5.07 -20.95 -17.09
N ARG A 685 4.07 -20.83 -17.96
CA ARG A 685 4.31 -20.85 -19.40
C ARG A 685 5.00 -19.57 -19.88
N LEU A 686 4.88 -18.49 -19.11
CA LEU A 686 5.49 -17.22 -19.49
C LEU A 686 6.94 -17.17 -19.05
N ALA A 687 7.21 -17.46 -17.78
CA ALA A 687 8.59 -17.48 -17.31
C ALA A 687 9.39 -18.61 -17.95
N ALA A 688 8.70 -19.57 -18.58
CA ALA A 688 9.37 -20.59 -19.35
C ALA A 688 9.98 -20.02 -20.63
N ARG A 689 9.37 -18.96 -21.18
CA ARG A 689 9.97 -18.20 -22.27
C ARG A 689 10.86 -17.07 -21.75
N GLY A 690 11.04 -16.98 -20.43
CA GLY A 690 12.11 -16.19 -19.86
C GLY A 690 11.73 -14.87 -19.24
N VAL A 691 10.45 -14.58 -19.05
CA VAL A 691 10.05 -13.28 -18.52
C VAL A 691 10.07 -13.34 -17.00
N LYS A 692 10.44 -12.21 -16.39
CA LYS A 692 10.51 -12.13 -14.94
C LYS A 692 9.12 -12.25 -14.33
N ILE A 693 9.01 -13.05 -13.26
CA ILE A 693 7.73 -13.32 -12.62
C ILE A 693 7.97 -13.19 -11.11
N ARG A 694 7.75 -12.00 -10.59
CA ARG A 694 7.84 -11.72 -9.17
C ARG A 694 6.52 -11.99 -8.47
N PRO A 695 6.53 -12.22 -7.16
CA PRO A 695 5.30 -12.14 -6.38
C PRO A 695 4.71 -10.74 -6.47
N GLY A 696 3.57 -10.61 -7.15
CA GLY A 696 3.01 -9.30 -7.40
C GLY A 696 2.67 -9.03 -8.86
N THR A 697 3.34 -9.71 -9.79
CA THR A 697 2.98 -9.61 -11.21
C THR A 697 1.49 -9.87 -11.41
N VAL A 698 0.86 -9.06 -12.26
CA VAL A 698 -0.53 -9.26 -12.64
C VAL A 698 -0.58 -9.95 -14.00
N ILE A 699 -0.95 -11.24 -13.98
CA ILE A 699 -1.18 -11.99 -15.22
C ILE A 699 -2.51 -11.56 -15.79
N SER A 700 -2.52 -11.19 -17.07
CA SER A 700 -3.71 -10.68 -17.73
C SER A 700 -3.98 -11.62 -18.92
N TYR A 701 -4.74 -12.67 -18.65
CA TYR A 701 -4.91 -13.76 -19.62
C TYR A 701 -6.32 -13.79 -20.17
N ILE A 702 -6.49 -14.57 -21.23
CA ILE A 702 -7.79 -14.76 -21.85
C ILE A 702 -7.99 -16.24 -22.14
N VAL A 703 -9.25 -16.68 -22.14
CA VAL A 703 -9.60 -18.09 -22.21
C VAL A 703 -10.06 -18.42 -23.62
N LEU A 704 -9.42 -19.41 -24.23
CA LEU A 704 -9.61 -19.72 -25.63
C LEU A 704 -10.53 -20.91 -25.81
N LYS A 705 -11.18 -20.97 -26.97
CA LYS A 705 -12.03 -22.09 -27.29
C LYS A 705 -11.21 -23.39 -27.21
N GLY A 706 -11.86 -24.45 -26.76
CA GLY A 706 -11.17 -25.71 -26.53
C GLY A 706 -11.88 -26.50 -25.46
N SER A 707 -11.15 -27.47 -24.92
CA SER A 707 -11.67 -28.35 -23.89
C SER A 707 -10.58 -28.63 -22.86
N GLY A 708 -10.99 -29.17 -21.72
CA GLY A 708 -10.06 -29.55 -20.67
C GLY A 708 -9.98 -28.56 -19.54
N ARG A 709 -8.83 -28.51 -18.87
CA ARG A 709 -8.61 -27.51 -17.83
C ARG A 709 -8.72 -26.11 -18.41
N ILE A 710 -9.16 -25.18 -17.56
CA ILE A 710 -9.22 -23.79 -18.01
C ILE A 710 -7.84 -23.28 -18.34
N GLY A 711 -6.83 -23.69 -17.57
CA GLY A 711 -5.48 -23.20 -17.80
C GLY A 711 -4.90 -23.63 -19.14
N ASP A 712 -5.19 -24.87 -19.56
CA ASP A 712 -4.66 -25.36 -20.84
C ASP A 712 -5.13 -24.54 -22.03
N ARG A 713 -6.15 -23.69 -21.84
CA ARG A 713 -6.62 -22.80 -22.89
C ARG A 713 -6.36 -21.33 -22.57
N ALA A 714 -5.52 -21.04 -21.59
CA ALA A 714 -5.25 -19.65 -21.26
C ALA A 714 -3.99 -19.18 -21.97
N ILE A 715 -4.04 -17.95 -22.47
CA ILE A 715 -2.90 -17.31 -23.10
C ILE A 715 -2.81 -15.89 -22.57
N PRO A 716 -1.61 -15.37 -22.30
CA PRO A 716 -1.50 -13.97 -21.89
C PRO A 716 -2.12 -13.08 -22.95
N PHE A 717 -2.58 -11.91 -22.53
CA PHE A 717 -3.41 -11.14 -23.45
C PHE A 717 -2.62 -10.63 -24.66
N ASP A 718 -1.34 -10.30 -24.46
CA ASP A 718 -0.52 -9.80 -25.56
C ASP A 718 -0.45 -10.79 -26.70
N GLU A 719 -0.37 -12.08 -26.40
CA GLU A 719 -0.27 -13.08 -27.45
C GLU A 719 -1.59 -13.31 -28.19
N PHE A 720 -2.66 -12.59 -27.87
CA PHE A 720 -3.95 -12.86 -28.49
C PHE A 720 -4.02 -12.21 -29.87
N ASP A 721 -4.17 -13.04 -30.90
CA ASP A 721 -4.41 -12.57 -32.27
C ASP A 721 -5.84 -12.94 -32.67
N PRO A 722 -6.75 -11.97 -32.79
CA PRO A 722 -8.17 -12.33 -33.00
C PRO A 722 -8.42 -13.07 -34.30
N ALA A 723 -7.58 -12.87 -35.33
CA ALA A 723 -7.79 -13.56 -36.59
C ALA A 723 -7.39 -15.03 -36.49
N LYS A 724 -6.35 -15.36 -35.71
CA LYS A 724 -5.97 -16.75 -35.50
C LYS A 724 -6.14 -17.17 -34.04
N HIS A 725 -7.23 -16.70 -33.41
CA HIS A 725 -7.66 -17.14 -32.08
C HIS A 725 -9.16 -16.96 -31.95
N LYS A 726 -9.88 -18.04 -31.69
CA LYS A 726 -11.29 -18.01 -31.36
C LYS A 726 -11.39 -18.17 -29.83
N TYR A 727 -11.78 -17.11 -29.12
CA TYR A 727 -11.91 -17.23 -27.67
C TYR A 727 -13.12 -18.11 -27.31
N ASP A 728 -13.13 -18.59 -26.08
CA ASP A 728 -14.14 -19.57 -25.64
C ASP A 728 -15.42 -18.85 -25.21
N ALA A 729 -16.41 -18.83 -26.09
CA ALA A 729 -17.67 -18.15 -25.78
C ALA A 729 -18.44 -18.88 -24.70
N GLU A 730 -18.49 -20.21 -24.78
CA GLU A 730 -19.24 -20.98 -23.79
C GLU A 730 -18.74 -20.69 -22.39
N TYR A 731 -17.42 -20.62 -22.20
CA TYR A 731 -16.85 -20.32 -20.88
C TYR A 731 -17.28 -18.95 -20.38
N TYR A 732 -17.18 -17.94 -21.24
CA TYR A 732 -17.58 -16.61 -20.83
C TYR A 732 -19.08 -16.47 -20.70
N ILE A 733 -19.86 -17.48 -21.08
CA ILE A 733 -21.27 -17.50 -20.68
C ILE A 733 -21.41 -18.27 -19.37
N GLU A 734 -21.05 -19.55 -19.36
CA GLU A 734 -21.33 -20.43 -18.24
C GLU A 734 -20.31 -20.37 -17.10
N ASN A 735 -19.27 -19.55 -17.21
CA ASN A 735 -18.30 -19.40 -16.12
C ASN A 735 -18.01 -17.97 -15.72
N GLN A 736 -18.55 -16.97 -16.42
CA GLN A 736 -18.11 -15.58 -16.22
C GLN A 736 -19.26 -14.58 -16.16
N VAL A 737 -20.16 -14.62 -17.13
CA VAL A 737 -21.30 -13.71 -17.10
C VAL A 737 -22.40 -14.25 -16.19
N LEU A 738 -23.03 -15.36 -16.58
CA LEU A 738 -24.21 -15.83 -15.85
C LEU A 738 -23.98 -16.02 -14.35
N PRO A 739 -22.97 -16.77 -13.89
CA PRO A 739 -22.80 -16.94 -12.44
C PRO A 739 -22.61 -15.64 -11.68
N ALA A 740 -22.49 -14.49 -12.35
CA ALA A 740 -22.35 -13.21 -11.69
C ALA A 740 -23.64 -12.42 -11.65
N VAL A 741 -24.56 -12.71 -12.58
CA VAL A 741 -25.90 -12.14 -12.51
C VAL A 741 -26.93 -13.18 -12.08
N GLU A 742 -26.54 -14.45 -11.98
CA GLU A 742 -27.55 -15.46 -11.62
C GLU A 742 -27.94 -15.36 -10.15
N ARG A 743 -27.00 -14.99 -9.28
CA ARG A 743 -27.35 -14.80 -7.86
C ARG A 743 -28.24 -13.60 -7.65
N ILE A 744 -28.13 -12.58 -8.50
CA ILE A 744 -29.03 -11.45 -8.40
C ILE A 744 -30.39 -11.80 -8.96
N LEU A 745 -30.47 -12.65 -9.98
CA LEU A 745 -31.74 -12.88 -10.66
C LEU A 745 -32.39 -14.20 -10.29
N ARG A 746 -31.72 -15.07 -9.51
CA ARG A 746 -32.45 -16.18 -8.91
C ARG A 746 -33.52 -15.67 -7.93
N ALA A 747 -33.24 -14.55 -7.26
CA ALA A 747 -34.20 -13.86 -6.39
C ALA A 747 -35.45 -13.40 -7.13
N PHE A 748 -35.62 -13.68 -8.43
CA PHE A 748 -36.82 -13.26 -9.15
C PHE A 748 -37.43 -14.42 -9.93
N GLY A 749 -37.13 -15.66 -9.53
CA GLY A 749 -37.61 -16.78 -10.30
C GLY A 749 -37.01 -16.84 -11.70
N TYR A 750 -35.69 -16.66 -11.79
CA TYR A 750 -34.93 -16.84 -13.03
C TYR A 750 -33.79 -17.80 -12.77
N ARG A 751 -33.69 -18.84 -13.59
CA ARG A 751 -32.58 -19.78 -13.55
C ARG A 751 -31.68 -19.51 -14.75
N LYS A 752 -30.38 -19.75 -14.56
CA LYS A 752 -29.40 -19.60 -15.63
C LYS A 752 -29.98 -20.03 -16.97
N GLU A 753 -30.79 -21.09 -16.95
CA GLU A 753 -31.28 -21.73 -18.18
C GLU A 753 -32.16 -20.82 -19.01
N ASP A 754 -32.93 -19.93 -18.38
CA ASP A 754 -33.68 -18.89 -19.09
C ASP A 754 -32.94 -17.54 -19.06
N LEU A 755 -31.61 -17.59 -19.11
CA LEU A 755 -30.80 -16.39 -19.22
C LEU A 755 -29.94 -16.29 -20.49
N ARG A 756 -29.66 -17.41 -21.18
CA ARG A 756 -28.91 -17.37 -22.43
C ARG A 756 -29.77 -16.80 -23.57
#